data_8ONE
#
_entry.id   8ONE
#
_cell.length_a   97.090
_cell.length_b   100.181
_cell.length_c   223.794
_cell.angle_alpha   90.00
_cell.angle_beta   90.00
_cell.angle_gamma   90.00
#
_symmetry.space_group_name_H-M   'C 2 2 21'
#
loop_
_entity.id
_entity.type
_entity.pdbx_description
1 polymer 'Multifunctional procollagen lysine hydroxylase and glycosyltransferase LH3'
2 branched 2-acetamido-2-deoxy-beta-D-glucopyranose-(1-4)-2-acetamido-2-deoxy-beta-D-glucopyranose
3 non-polymer '2-OXOGLUTARIC ACID'
4 non-polymer 'FE (II) ION'
5 non-polymer 'MANGANESE (II) ION'
6 non-polymer 2-acetamido-2-deoxy-beta-D-glucopyranose
7 non-polymer GLYCEROL
8 non-polymer "URIDINE-5'-DIPHOSPHATE-GLUCOSE"
9 water water
#
_entity_poly.entity_id   1
_entity_poly.type   'polypeptide(L)'
_entity_poly.pdbx_seq_one_letter_code
;GSSDRPRGRDPVNPEKLLVITVATAETEGYLRFLRSAEFFNYTVRTLGLGEEWRGGDVARTVGGGQKVRWLKKEMEKYAD
REDMIIMFVDSYDVILAGSPTELLKKFVQSGSRLLFSAESFCWPEWGLAEQYPEVGTGKRFLNSGGFIGFATTIHQIVRQ
WKYKDDDSDQLFYTRLYLDPGLREKLSLNLDHKSRIFQNLNGALDEVVLKFDRNRVRIRNVAYDTLPIVVHGNGPTKLQL
NYLGNYVPNGWTPEGGCGFCNQDRRTLPGGQPPPRVFLAVFVEQPTPFLPRFLQRLLLLDYPPDRVTLFLHNNEVFHEPH
IADSWPQLQDHFSAVKLVGPEEALSPGEARDMAMDLCRQDPECEFYFSLDADAVLTNLQTLRILIEENRKVIAPMLSRHG
KLWSNFWGALSPDEYYARSEDYVELVQRKRVGVWNVPYISQAYVIRGDTLRMELPQRDVFSGSDTDPDMAFCKSFRDKGI
FLHLSNQHEFGRLLATSRYDTEHLHPDLWQIFDNPVDWKEQYIHENYSRALEGEGIVEQPCPDVYWFPLLSEQMCDELVA
EMEHYGQWSGGRHEDSRLAGGYENVPTVDIHMKQVGYEDQWLQLLRTYVGPMTESLFPGYHTKARAVMNFVVRYRPDEQP
SLRPHHDSSTFTLNVALNHKGLDYEGGGCRFLRYDCVISSPRKGWALLHPGRLTHYHEGLPTTWGTRYIMVSFVDPAAA
;
_entity_poly.pdbx_strand_id   A
#
loop_
_chem_comp.id
_chem_comp.type
_chem_comp.name
_chem_comp.formula
AKG non-polymer '2-OXOGLUTARIC ACID' 'C5 H6 O5'
FE2 non-polymer 'FE (II) ION' 'Fe 2'
GOL non-polymer GLYCEROL 'C3 H8 O3'
MN non-polymer 'MANGANESE (II) ION' 'Mn 2'
NAG D-saccharide, beta linking 2-acetamido-2-deoxy-beta-D-glucopyranose 'C8 H15 N O6'
UPG non-polymer URIDINE-5'-DIPHOSPHATE-GLUCOSE 'C15 H24 N2 O17 P2'
#
# COMPACT_ATOMS: atom_id res chain seq x y z
N PRO A 11 -45.77 -20.20 4.01
CA PRO A 11 -44.92 -19.11 3.57
C PRO A 11 -45.24 -17.79 4.28
N VAL A 12 -44.32 -17.34 5.14
CA VAL A 12 -44.53 -16.10 5.88
C VAL A 12 -44.21 -14.92 4.97
N ASN A 13 -45.10 -13.94 4.95
CA ASN A 13 -44.96 -12.78 4.07
C ASN A 13 -43.77 -11.94 4.49
N PRO A 14 -42.79 -11.70 3.62
CA PRO A 14 -41.68 -10.80 3.98
C PRO A 14 -42.13 -9.39 4.31
N GLU A 15 -43.32 -8.98 3.87
CA GLU A 15 -43.85 -7.69 4.26
C GLU A 15 -44.17 -7.61 5.75
N LYS A 16 -44.26 -8.76 6.42
CA LYS A 16 -44.51 -8.82 7.85
C LYS A 16 -43.23 -8.85 8.68
N LEU A 17 -42.06 -8.89 8.04
CA LEU A 17 -40.79 -8.91 8.75
C LEU A 17 -40.25 -7.49 8.90
N LEU A 18 -39.88 -7.13 10.12
CA LEU A 18 -39.28 -5.84 10.42
C LEU A 18 -37.96 -6.07 11.14
N VAL A 19 -36.90 -5.45 10.64
CA VAL A 19 -35.59 -5.50 11.28
C VAL A 19 -35.42 -4.23 12.11
N ILE A 20 -35.10 -4.40 13.38
CA ILE A 20 -34.88 -3.30 14.30
C ILE A 20 -33.44 -3.35 14.79
N THR A 21 -32.75 -2.22 14.75
CA THR A 21 -31.39 -2.11 15.23
C THR A 21 -31.23 -0.82 16.01
N VAL A 22 -30.07 -0.65 16.62
CA VAL A 22 -29.75 0.53 17.40
C VAL A 22 -28.48 1.15 16.84
N ALA A 23 -28.49 2.48 16.69
CA ALA A 23 -27.32 3.21 16.22
C ALA A 23 -27.43 4.64 16.70
N THR A 24 -26.48 5.07 17.53
CA THR A 24 -26.45 6.45 18.00
C THR A 24 -25.78 7.39 17.01
N ALA A 25 -25.25 6.86 15.90
CA ALA A 25 -24.63 7.68 14.87
C ALA A 25 -24.54 6.85 13.60
N GLU A 26 -24.49 7.54 12.46
CA GLU A 26 -24.36 6.90 11.16
C GLU A 26 -22.89 6.60 10.88
N THR A 27 -22.35 5.68 11.67
CA THR A 27 -20.96 5.27 11.51
C THR A 27 -20.79 4.47 10.23
N GLU A 28 -19.52 4.23 9.87
CA GLU A 28 -19.24 3.43 8.68
C GLU A 28 -19.72 2.00 8.86
N GLY A 29 -19.65 1.47 10.08
CA GLY A 29 -20.20 0.15 10.33
C GLY A 29 -21.70 0.11 10.18
N TYR A 30 -22.39 1.14 10.67
CA TYR A 30 -23.84 1.19 10.54
C TYR A 30 -24.26 1.34 9.08
N LEU A 31 -23.55 2.18 8.33
CA LEU A 31 -23.87 2.34 6.91
C LEU A 31 -23.55 1.06 6.13
N ARG A 32 -22.49 0.35 6.52
CA ARG A 32 -22.21 -0.95 5.93
C ARG A 32 -23.34 -1.93 6.21
N PHE A 33 -23.93 -1.86 7.41
CA PHE A 33 -25.06 -2.71 7.74
C PHE A 33 -26.28 -2.36 6.90
N LEU A 34 -26.57 -1.07 6.75
CA LEU A 34 -27.73 -0.64 5.96
C LEU A 34 -27.61 -1.09 4.51
N ARG A 35 -26.42 -0.94 3.91
CA ARG A 35 -26.22 -1.33 2.52
C ARG A 35 -26.47 -2.82 2.32
N SER A 36 -26.00 -3.65 3.25
CA SER A 36 -26.25 -5.08 3.16
C SER A 36 -27.73 -5.38 3.31
N ALA A 37 -28.42 -4.62 4.18
CA ALA A 37 -29.85 -4.82 4.37
C ALA A 37 -30.63 -4.33 3.15
N GLU A 38 -30.21 -3.21 2.56
CA GLU A 38 -30.88 -2.70 1.37
C GLU A 38 -30.62 -3.60 0.16
N PHE A 39 -29.52 -4.34 0.17
CA PHE A 39 -29.23 -5.26 -0.92
C PHE A 39 -30.26 -6.38 -1.01
N PHE A 40 -30.79 -6.82 0.12
CA PHE A 40 -31.79 -7.87 0.16
C PHE A 40 -33.21 -7.33 0.35
N ASN A 41 -33.39 -6.01 0.26
CA ASN A 41 -34.70 -5.37 0.39
C ASN A 41 -35.31 -5.60 1.77
N TYR A 42 -34.47 -5.58 2.81
CA TYR A 42 -34.98 -5.56 4.17
C TYR A 42 -35.55 -4.19 4.49
N THR A 43 -36.58 -4.17 5.34
CA THR A 43 -37.12 -2.94 5.90
C THR A 43 -36.59 -2.79 7.32
N VAL A 44 -35.79 -1.74 7.54
CA VAL A 44 -35.02 -1.57 8.77
C VAL A 44 -35.47 -0.30 9.48
N ARG A 45 -35.67 -0.41 10.79
CA ARG A 45 -35.99 0.74 11.64
CA ARG A 45 -35.98 0.74 11.63
C ARG A 45 -34.87 0.91 12.66
N THR A 46 -34.22 2.07 12.63
CA THR A 46 -33.09 2.36 13.50
C THR A 46 -33.56 3.17 14.70
N LEU A 47 -33.17 2.73 15.90
CA LEU A 47 -33.58 3.35 17.15
C LEU A 47 -32.44 4.17 17.73
N GLY A 48 -32.71 5.45 18.00
CA GLY A 48 -31.79 6.29 18.76
C GLY A 48 -30.67 6.93 17.97
N LEU A 49 -30.98 7.44 16.78
CA LEU A 49 -29.93 7.99 15.92
C LEU A 49 -29.38 9.31 16.46
N GLY A 50 -30.25 10.18 16.96
CA GLY A 50 -29.78 11.45 17.47
C GLY A 50 -29.24 11.43 18.88
N GLU A 51 -29.46 10.35 19.62
CA GLU A 51 -29.22 10.35 21.05
C GLU A 51 -27.76 10.04 21.37
N GLU A 52 -27.42 10.21 22.64
CA GLU A 52 -26.09 9.92 23.16
C GLU A 52 -26.05 8.51 23.74
N TRP A 53 -25.00 7.77 23.42
CA TRP A 53 -24.85 6.39 23.88
C TRP A 53 -24.53 6.38 25.37
N ARG A 54 -25.48 5.93 26.19
CA ARG A 54 -25.29 5.81 27.62
C ARG A 54 -25.09 4.37 28.06
N GLY A 55 -24.77 3.48 27.14
CA GLY A 55 -24.54 2.08 27.43
C GLY A 55 -23.16 1.73 27.89
N GLY A 56 -22.29 2.72 28.11
CA GLY A 56 -20.94 2.47 28.58
C GLY A 56 -20.02 2.00 27.47
N ASP A 57 -18.73 1.93 27.81
CA ASP A 57 -17.72 1.47 26.87
C ASP A 57 -17.92 -0.03 26.61
N VAL A 58 -18.66 -0.35 25.54
CA VAL A 58 -19.01 -1.74 25.26
C VAL A 58 -17.87 -2.55 24.68
N ALA A 59 -16.80 -1.89 24.23
CA ALA A 59 -15.60 -2.60 23.78
C ALA A 59 -14.66 -2.93 24.93
N ARG A 60 -14.92 -2.40 26.11
CA ARG A 60 -14.07 -2.61 27.29
C ARG A 60 -14.74 -3.45 28.37
N THR A 61 -16.02 -3.23 28.63
CA THR A 61 -16.71 -3.94 29.71
C THR A 61 -18.05 -4.45 29.19
N VAL A 62 -18.97 -4.72 30.11
CA VAL A 62 -20.30 -5.19 29.77
C VAL A 62 -21.26 -4.00 29.82
N GLY A 63 -22.39 -4.15 29.13
CA GLY A 63 -23.39 -3.10 29.09
C GLY A 63 -24.40 -3.30 27.98
N GLY A 64 -24.78 -2.21 27.32
CA GLY A 64 -25.74 -2.27 26.24
C GLY A 64 -27.18 -2.29 26.65
N GLY A 65 -27.48 -2.03 27.93
CA GLY A 65 -28.85 -2.02 28.37
C GLY A 65 -29.71 -0.95 27.73
N GLN A 66 -29.08 0.12 27.23
CA GLN A 66 -29.82 1.17 26.54
C GLN A 66 -30.51 0.63 25.29
N LYS A 67 -29.96 -0.44 24.69
CA LYS A 67 -30.61 -1.05 23.54
C LYS A 67 -31.96 -1.64 23.90
N VAL A 68 -32.04 -2.30 25.07
CA VAL A 68 -33.30 -2.92 25.47
C VAL A 68 -34.33 -1.86 25.82
N ARG A 69 -33.91 -0.76 26.45
CA ARG A 69 -34.84 0.31 26.79
C ARG A 69 -35.48 0.89 25.54
N TRP A 70 -34.68 1.14 24.50
CA TRP A 70 -35.23 1.68 23.26
C TRP A 70 -36.09 0.64 22.54
N LEU A 71 -35.71 -0.63 22.61
CA LEU A 71 -36.51 -1.68 22.00
C LEU A 71 -37.82 -1.87 22.75
N LYS A 72 -37.76 -1.91 24.09
CA LYS A 72 -38.96 -2.06 24.89
C LYS A 72 -39.97 -0.96 24.60
N LYS A 73 -39.50 0.29 24.51
CA LYS A 73 -40.38 1.39 24.16
C LYS A 73 -40.96 1.23 22.76
N GLU A 74 -40.11 0.82 21.80
CA GLU A 74 -40.58 0.63 20.43
C GLU A 74 -41.58 -0.51 20.33
N MET A 75 -41.43 -1.55 21.15
CA MET A 75 -42.26 -2.75 21.03
C MET A 75 -43.66 -2.57 21.57
N GLU A 76 -43.95 -1.49 22.29
CA GLU A 76 -45.26 -1.34 22.91
C GLU A 76 -46.37 -1.17 21.88
N LYS A 77 -46.06 -0.57 20.73
CA LYS A 77 -47.06 -0.44 19.67
C LYS A 77 -47.25 -1.73 18.87
N TYR A 78 -46.37 -2.71 19.04
CA TYR A 78 -46.54 -4.02 18.41
C TYR A 78 -46.85 -5.11 19.43
N ALA A 79 -47.45 -4.74 20.57
CA ALA A 79 -47.64 -5.68 21.66
C ALA A 79 -48.62 -6.78 21.31
N ASP A 80 -49.55 -6.53 20.39
CA ASP A 80 -50.57 -7.49 20.01
C ASP A 80 -50.43 -7.97 18.57
N ARG A 81 -49.29 -7.71 17.94
CA ARG A 81 -49.10 -8.01 16.52
C ARG A 81 -48.48 -9.39 16.38
N GLU A 82 -49.34 -10.41 16.47
CA GLU A 82 -48.91 -11.79 16.23
C GLU A 82 -48.52 -12.03 14.78
N ASP A 83 -49.01 -11.21 13.86
CA ASP A 83 -48.71 -11.34 12.44
C ASP A 83 -47.32 -10.84 12.07
N MET A 84 -46.61 -10.17 12.98
CA MET A 84 -45.33 -9.55 12.68
C MET A 84 -44.19 -10.37 13.24
N ILE A 85 -43.20 -10.65 12.39
CA ILE A 85 -41.92 -11.21 12.81
C ILE A 85 -40.92 -10.07 12.89
N ILE A 86 -40.14 -10.05 13.96
CA ILE A 86 -39.18 -8.96 14.20
C ILE A 86 -37.84 -9.56 14.55
N MET A 87 -36.79 -9.08 13.86
CA MET A 87 -35.42 -9.47 14.15
C MET A 87 -34.67 -8.25 14.68
N PHE A 88 -34.08 -8.39 15.86
CA PHE A 88 -33.22 -7.37 16.43
C PHE A 88 -31.77 -7.79 16.28
N VAL A 89 -30.94 -6.89 15.77
CA VAL A 89 -29.51 -7.13 15.58
C VAL A 89 -28.75 -5.85 15.93
N ASP A 90 -27.46 -6.01 16.21
CA ASP A 90 -26.57 -4.87 16.26
C ASP A 90 -26.40 -4.29 14.85
N SER A 91 -25.81 -3.11 14.78
CA SER A 91 -25.57 -2.46 13.50
C SER A 91 -24.11 -2.15 13.21
N TYR A 92 -23.32 -1.85 14.24
CA TYR A 92 -21.93 -1.44 14.00
C TYR A 92 -21.07 -2.61 13.54
N ASP A 93 -21.37 -3.82 14.00
CA ASP A 93 -20.55 -4.99 13.72
C ASP A 93 -21.39 -6.12 13.16
N VAL A 94 -22.35 -5.79 12.30
CA VAL A 94 -23.27 -6.78 11.73
C VAL A 94 -23.43 -6.52 10.25
N ILE A 95 -23.38 -7.58 9.45
CA ILE A 95 -23.75 -7.54 8.04
C ILE A 95 -24.72 -8.67 7.77
N LEU A 96 -25.62 -8.45 6.81
CA LEU A 96 -26.61 -9.44 6.42
C LEU A 96 -26.13 -10.18 5.18
N ALA A 97 -26.34 -11.50 5.18
CA ALA A 97 -25.85 -12.36 4.11
C ALA A 97 -26.93 -13.13 3.39
N GLY A 98 -28.18 -13.09 3.85
CA GLY A 98 -29.25 -13.82 3.21
C GLY A 98 -30.50 -12.97 3.09
N SER A 99 -31.42 -13.46 2.26
CA SER A 99 -32.64 -12.73 1.94
C SER A 99 -33.68 -12.90 3.04
N PRO A 100 -34.65 -11.99 3.12
CA PRO A 100 -35.74 -12.16 4.11
C PRO A 100 -36.56 -13.42 3.88
N THR A 101 -36.67 -13.90 2.64
CA THR A 101 -37.41 -15.12 2.38
C THR A 101 -36.71 -16.33 2.97
N GLU A 102 -35.41 -16.48 2.69
CA GLU A 102 -34.64 -17.56 3.31
C GLU A 102 -34.62 -17.41 4.82
N LEU A 103 -34.59 -16.18 5.32
CA LEU A 103 -34.57 -15.95 6.76
C LEU A 103 -35.85 -16.44 7.41
N LEU A 104 -37.00 -16.03 6.87
CA LEU A 104 -38.27 -16.44 7.46
C LEU A 104 -38.51 -17.93 7.30
N LYS A 105 -38.06 -18.51 6.19
CA LYS A 105 -38.15 -19.96 6.01
C LYS A 105 -37.38 -20.70 7.10
N LYS A 106 -36.17 -20.23 7.43
CA LYS A 106 -35.38 -20.88 8.46
C LYS A 106 -35.96 -20.64 9.85
N PHE A 107 -36.54 -19.45 10.07
CA PHE A 107 -37.16 -19.17 11.37
C PHE A 107 -38.35 -20.09 11.61
N VAL A 108 -39.17 -20.31 10.59
CA VAL A 108 -40.31 -21.22 10.72
C VAL A 108 -39.83 -22.65 10.91
N GLN A 109 -38.75 -23.02 10.22
CA GLN A 109 -38.21 -24.38 10.37
C GLN A 109 -37.72 -24.64 11.79
N SER A 110 -37.29 -23.60 12.50
CA SER A 110 -36.82 -23.79 13.86
C SER A 110 -37.96 -24.16 14.82
N GLY A 111 -39.20 -23.85 14.46
CA GLY A 111 -40.31 -24.10 15.35
C GLY A 111 -40.33 -23.25 16.59
N SER A 112 -39.55 -22.19 16.64
CA SER A 112 -39.45 -21.31 17.80
C SER A 112 -40.34 -20.10 17.64
N ARG A 113 -40.64 -19.46 18.77
CA ARG A 113 -41.34 -18.18 18.77
C ARG A 113 -40.43 -17.01 19.09
N LEU A 114 -39.21 -17.28 19.59
CA LEU A 114 -38.20 -16.23 19.79
C LEU A 114 -36.84 -16.94 19.81
N LEU A 115 -36.11 -16.83 18.71
CA LEU A 115 -34.86 -17.55 18.51
C LEU A 115 -33.69 -16.59 18.72
N PHE A 116 -32.94 -16.81 19.80
CA PHE A 116 -31.73 -16.02 20.04
C PHE A 116 -30.54 -16.63 19.30
N SER A 117 -29.52 -15.82 19.12
CA SER A 117 -28.27 -16.33 18.58
C SER A 117 -27.52 -17.13 19.63
N ALA A 118 -26.76 -18.11 19.19
CA ALA A 118 -25.93 -18.93 20.07
C ALA A 118 -24.45 -18.63 19.82
N GLU A 119 -23.64 -18.83 20.85
CA GLU A 119 -22.20 -18.64 20.74
C GLU A 119 -21.49 -19.64 21.66
N SER A 120 -20.17 -19.65 21.57
CA SER A 120 -19.36 -20.65 22.26
C SER A 120 -19.13 -20.33 23.74
N PHE A 121 -19.22 -19.07 24.13
CA PHE A 121 -18.86 -18.64 25.47
C PHE A 121 -20.08 -18.29 26.30
N CYS A 122 -20.04 -18.65 27.58
CA CYS A 122 -21.10 -18.34 28.53
C CYS A 122 -20.65 -17.13 29.35
N TRP A 123 -21.26 -15.98 29.09
CA TRP A 123 -20.86 -14.72 29.70
C TRP A 123 -22.10 -13.87 29.89
N PRO A 124 -22.05 -12.87 30.79
CA PRO A 124 -20.94 -12.43 31.65
C PRO A 124 -20.63 -13.40 32.79
N GLU A 125 -21.66 -14.06 33.33
CA GLU A 125 -21.48 -14.96 34.46
C GLU A 125 -21.23 -16.38 33.94
N TRP A 126 -20.05 -16.91 34.24
CA TRP A 126 -19.71 -18.26 33.81
C TRP A 126 -20.49 -19.31 34.58
N GLY A 127 -20.83 -19.05 35.84
CA GLY A 127 -21.51 -20.02 36.67
C GLY A 127 -22.86 -20.46 36.15
N LEU A 128 -23.45 -19.69 35.24
CA LEU A 128 -24.74 -20.03 34.66
C LEU A 128 -24.67 -21.16 33.63
N ALA A 129 -23.48 -21.66 33.33
CA ALA A 129 -23.35 -22.65 32.27
C ALA A 129 -24.07 -23.96 32.61
N GLU A 130 -24.20 -24.27 33.90
CA GLU A 130 -24.88 -25.51 34.29
C GLU A 130 -26.37 -25.44 34.02
N GLN A 131 -26.96 -24.24 34.07
CA GLN A 131 -28.39 -24.09 33.84
C GLN A 131 -28.77 -24.26 32.37
N TYR A 132 -27.80 -24.16 31.46
CA TYR A 132 -28.10 -24.25 30.04
C TYR A 132 -28.40 -25.69 29.63
N PRO A 133 -29.38 -25.90 28.76
CA PRO A 133 -29.63 -27.25 28.24
C PRO A 133 -28.43 -27.78 27.48
N GLU A 134 -28.24 -29.10 27.55
CA GLU A 134 -27.14 -29.75 26.86
C GLU A 134 -27.41 -29.80 25.36
N VAL A 135 -26.43 -29.38 24.56
CA VAL A 135 -26.48 -29.53 23.11
C VAL A 135 -25.23 -30.29 22.68
N GLY A 136 -25.40 -31.20 21.73
CA GLY A 136 -24.32 -32.06 21.29
C GLY A 136 -23.16 -31.32 20.65
N THR A 137 -23.26 -31.07 19.35
CA THR A 137 -22.18 -30.47 18.59
C THR A 137 -22.35 -28.97 18.36
N GLY A 138 -23.50 -28.40 18.71
CA GLY A 138 -23.75 -27.00 18.44
C GLY A 138 -23.36 -26.09 19.59
N LYS A 139 -23.46 -24.78 19.33
CA LYS A 139 -23.20 -23.79 20.36
C LYS A 139 -24.29 -23.85 21.43
N ARG A 140 -23.88 -23.58 22.67
CA ARG A 140 -24.72 -23.86 23.83
C ARG A 140 -25.31 -22.62 24.49
N PHE A 141 -24.66 -21.47 24.39
CA PHE A 141 -24.99 -20.32 25.22
C PHE A 141 -25.57 -19.18 24.38
N LEU A 142 -26.30 -18.30 25.05
CA LEU A 142 -27.06 -17.25 24.40
C LEU A 142 -26.19 -16.03 24.11
N ASN A 143 -26.51 -15.34 23.01
CA ASN A 143 -25.91 -14.07 22.66
C ASN A 143 -27.02 -13.13 22.22
N SER A 144 -27.08 -11.95 22.85
CA SER A 144 -28.17 -11.01 22.62
C SER A 144 -27.92 -10.07 21.44
N GLY A 145 -26.80 -10.23 20.73
CA GLY A 145 -26.53 -9.41 19.57
C GLY A 145 -27.46 -9.65 18.40
N GLY A 146 -28.27 -10.71 18.44
CA GLY A 146 -29.20 -11.00 17.38
C GLY A 146 -30.25 -12.03 17.77
N PHE A 147 -31.53 -11.67 17.63
CA PHE A 147 -32.61 -12.60 17.85
C PHE A 147 -33.77 -12.24 16.93
N ILE A 148 -34.63 -13.23 16.68
CA ILE A 148 -35.76 -13.07 15.77
C ILE A 148 -36.93 -13.87 16.31
N GLY A 149 -38.11 -13.26 16.34
CA GLY A 149 -39.30 -13.93 16.83
C GLY A 149 -40.53 -13.10 16.59
N PHE A 150 -41.66 -13.63 17.05
CA PHE A 150 -42.93 -12.93 16.90
C PHE A 150 -42.92 -11.64 17.74
N ALA A 151 -43.60 -10.62 17.23
CA ALA A 151 -43.63 -9.33 17.92
C ALA A 151 -44.28 -9.45 19.28
N THR A 152 -45.30 -10.31 19.41
CA THR A 152 -45.96 -10.49 20.70
C THR A 152 -45.03 -11.15 21.71
N THR A 153 -44.33 -12.20 21.28
CA THR A 153 -43.39 -12.88 22.18
C THR A 153 -42.23 -11.98 22.56
N ILE A 154 -41.74 -11.18 21.61
CA ILE A 154 -40.64 -10.27 21.89
C ILE A 154 -41.09 -9.18 22.87
N HIS A 155 -42.32 -8.69 22.72
CA HIS A 155 -42.83 -7.67 23.64
C HIS A 155 -42.91 -8.20 25.06
N GLN A 156 -43.34 -9.46 25.22
CA GLN A 156 -43.44 -10.04 26.56
C GLN A 156 -42.08 -10.22 27.22
N ILE A 157 -41.00 -10.25 26.44
CA ILE A 157 -39.67 -10.37 27.00
C ILE A 157 -39.06 -9.00 27.31
N VAL A 158 -39.10 -8.09 26.33
CA VAL A 158 -38.43 -6.80 26.50
C VAL A 158 -39.18 -5.87 27.44
N ARG A 159 -40.48 -6.08 27.64
CA ARG A 159 -41.22 -5.20 28.54
C ARG A 159 -40.83 -5.40 30.00
N GLN A 160 -40.14 -6.49 30.33
CA GLN A 160 -39.66 -6.72 31.69
C GLN A 160 -38.38 -5.95 31.98
N TRP A 161 -37.91 -5.11 31.06
CA TRP A 161 -36.69 -4.35 31.28
C TRP A 161 -36.97 -3.20 32.26
N LYS A 162 -36.11 -3.07 33.27
CA LYS A 162 -36.28 -2.05 34.29
C LYS A 162 -34.94 -1.72 34.95
N TYR A 163 -33.87 -1.73 34.17
CA TYR A 163 -32.52 -1.60 34.69
C TYR A 163 -31.82 -0.41 34.06
N LYS A 164 -30.56 -0.23 34.43
CA LYS A 164 -29.80 0.95 34.02
C LYS A 164 -29.36 0.83 32.56
N ASP A 165 -29.03 1.99 31.98
CA ASP A 165 -28.57 2.01 30.59
C ASP A 165 -27.26 1.26 30.41
N ASP A 166 -26.41 1.25 31.45
CA ASP A 166 -25.11 0.59 31.38
C ASP A 166 -25.13 -0.80 32.00
N ASP A 167 -26.30 -1.36 32.24
CA ASP A 167 -26.38 -2.75 32.68
C ASP A 167 -26.28 -3.69 31.48
N SER A 168 -26.01 -4.95 31.77
CA SER A 168 -25.77 -5.94 30.73
C SER A 168 -27.08 -6.43 30.14
N ASP A 169 -27.29 -6.18 28.84
CA ASP A 169 -28.46 -6.74 28.18
C ASP A 169 -28.30 -8.22 27.92
N GLN A 170 -27.05 -8.67 27.71
CA GLN A 170 -26.78 -10.09 27.54
C GLN A 170 -27.20 -10.87 28.78
N LEU A 171 -26.86 -10.36 29.97
CA LEU A 171 -27.29 -11.00 31.19
C LEU A 171 -28.81 -10.95 31.37
N PHE A 172 -29.44 -9.88 30.89
CA PHE A 172 -30.89 -9.76 31.00
C PHE A 172 -31.59 -10.83 30.18
N TYR A 173 -31.19 -10.99 28.92
CA TYR A 173 -31.78 -12.02 28.08
C TYR A 173 -31.37 -13.43 28.52
N THR A 174 -30.16 -13.56 29.07
CA THR A 174 -29.70 -14.87 29.53
C THR A 174 -30.54 -15.37 30.70
N ARG A 175 -30.78 -14.50 31.68
CA ARG A 175 -31.54 -14.90 32.86
C ARG A 175 -32.96 -15.30 32.50
N LEU A 176 -33.58 -14.57 31.57
CA LEU A 176 -34.93 -14.91 31.15
C LEU A 176 -34.96 -16.24 30.40
N TYR A 177 -33.93 -16.49 29.58
CA TYR A 177 -33.87 -17.76 28.84
C TYR A 177 -33.63 -18.93 29.78
N LEU A 178 -32.81 -18.74 30.82
CA LEU A 178 -32.51 -19.81 31.76
C LEU A 178 -33.65 -20.09 32.72
N ASP A 179 -34.76 -19.35 32.64
CA ASP A 179 -35.96 -19.68 33.37
C ASP A 179 -36.64 -20.86 32.67
N PRO A 180 -36.64 -22.05 33.28
CA PRO A 180 -37.15 -23.23 32.56
C PRO A 180 -38.62 -23.11 32.19
N GLY A 181 -39.45 -22.58 33.09
CA GLY A 181 -40.86 -22.40 32.76
C GLY A 181 -41.07 -21.37 31.66
N LEU A 182 -40.39 -20.23 31.75
CA LEU A 182 -40.56 -19.18 30.75
C LEU A 182 -40.05 -19.63 29.38
N ARG A 183 -38.92 -20.34 29.35
CA ARG A 183 -38.40 -20.84 28.09
C ARG A 183 -39.39 -21.78 27.42
N GLU A 184 -40.11 -22.57 28.21
CA GLU A 184 -41.10 -23.49 27.66
C GLU A 184 -42.38 -22.77 27.28
N LYS A 185 -42.81 -21.80 28.10
CA LYS A 185 -44.08 -21.12 27.84
C LYS A 185 -44.02 -20.31 26.54
N LEU A 186 -42.99 -19.49 26.38
CA LEU A 186 -42.85 -18.63 25.21
C LEU A 186 -42.15 -19.31 24.05
N SER A 187 -41.76 -20.57 24.19
CA SER A 187 -41.05 -21.31 23.15
C SER A 187 -39.77 -20.58 22.74
N LEU A 188 -38.88 -20.40 23.71
CA LEU A 188 -37.58 -19.76 23.48
C LEU A 188 -36.56 -20.79 23.03
N ASN A 189 -35.67 -20.39 22.13
CA ASN A 189 -34.70 -21.30 21.56
C ASN A 189 -33.41 -20.55 21.25
N LEU A 190 -32.37 -21.31 20.94
CA LEU A 190 -31.07 -20.77 20.55
C LEU A 190 -30.66 -21.39 19.21
N ASP A 191 -30.14 -20.55 18.32
CA ASP A 191 -29.67 -21.01 17.01
C ASP A 191 -28.34 -21.72 17.20
N HIS A 192 -28.43 -22.98 17.62
CA HIS A 192 -27.24 -23.72 18.05
C HIS A 192 -26.24 -23.90 16.92
N LYS A 193 -26.70 -24.34 15.76
CA LYS A 193 -25.83 -24.64 14.63
C LYS A 193 -25.66 -23.48 13.67
N SER A 194 -26.00 -22.26 14.10
CA SER A 194 -25.77 -21.05 13.30
C SER A 194 -26.48 -21.13 11.95
N ARG A 195 -27.74 -21.56 11.97
CA ARG A 195 -28.51 -21.59 10.73
C ARG A 195 -28.94 -20.19 10.30
N ILE A 196 -29.09 -19.27 11.26
CA ILE A 196 -29.52 -17.90 10.99
C ILE A 196 -28.46 -16.89 11.42
N PHE A 197 -28.00 -17.00 12.67
CA PHE A 197 -27.04 -16.07 13.23
C PHE A 197 -25.67 -16.71 13.32
N GLN A 198 -24.64 -15.98 12.90
CA GLN A 198 -23.25 -16.43 13.00
C GLN A 198 -22.48 -15.41 13.82
N ASN A 199 -22.22 -15.74 15.09
CA ASN A 199 -21.32 -14.94 15.91
C ASN A 199 -19.89 -15.37 15.66
N LEU A 200 -18.99 -14.40 15.47
CA LEU A 200 -17.64 -14.72 15.04
C LEU A 200 -16.73 -15.07 16.21
N ASN A 201 -16.97 -14.51 17.39
CA ASN A 201 -16.09 -14.75 18.54
C ASN A 201 -16.15 -16.21 18.95
N GLY A 202 -14.99 -16.87 19.01
CA GLY A 202 -14.94 -18.27 19.34
C GLY A 202 -15.27 -19.21 18.22
N ALA A 203 -15.46 -18.70 17.00
CA ALA A 203 -15.80 -19.57 15.87
C ALA A 203 -15.16 -19.13 14.56
N LEU A 204 -14.02 -18.43 14.59
CA LEU A 204 -13.41 -17.92 13.37
C LEU A 204 -12.99 -19.07 12.45
N ASP A 205 -12.53 -20.19 13.03
CA ASP A 205 -12.14 -21.34 12.23
C ASP A 205 -13.32 -22.08 11.63
N GLU A 206 -14.54 -21.72 12.00
CA GLU A 206 -15.73 -22.34 11.45
C GLU A 206 -16.31 -21.58 10.27
N VAL A 207 -15.87 -20.34 10.03
CA VAL A 207 -16.48 -19.46 9.05
C VAL A 207 -15.55 -19.33 7.85
N VAL A 208 -16.11 -19.54 6.64
CA VAL A 208 -15.38 -19.33 5.40
C VAL A 208 -16.30 -18.59 4.43
N LEU A 209 -15.68 -17.96 3.44
CA LEU A 209 -16.44 -17.27 2.40
C LEU A 209 -16.94 -18.26 1.37
N LYS A 210 -18.22 -18.13 1.00
CA LYS A 210 -18.79 -18.91 -0.10
C LYS A 210 -19.14 -17.94 -1.22
N PHE A 211 -18.44 -18.07 -2.35
CA PHE A 211 -18.60 -17.16 -3.46
C PHE A 211 -19.68 -17.62 -4.41
N ASP A 212 -20.38 -16.64 -5.01
CA ASP A 212 -21.27 -16.85 -6.14
C ASP A 212 -20.87 -15.87 -7.23
N ARG A 213 -21.64 -15.84 -8.31
CA ARG A 213 -21.29 -14.99 -9.45
C ARG A 213 -21.35 -13.51 -9.07
N ASN A 214 -22.47 -13.07 -8.49
CA ASN A 214 -22.65 -11.65 -8.17
C ASN A 214 -23.01 -11.43 -6.70
N ARG A 215 -22.67 -12.36 -5.82
CA ARG A 215 -22.79 -12.12 -4.38
C ARG A 215 -21.92 -13.12 -3.64
N VAL A 216 -21.59 -12.79 -2.40
CA VAL A 216 -20.74 -13.60 -1.54
C VAL A 216 -21.42 -13.80 -0.20
N ARG A 217 -21.39 -15.02 0.31
CA ARG A 217 -21.93 -15.36 1.61
C ARG A 217 -20.82 -15.91 2.49
N ILE A 218 -21.22 -16.43 3.66
CA ILE A 218 -20.33 -17.19 4.52
C ILE A 218 -20.93 -18.57 4.73
N ARG A 219 -20.07 -19.56 4.93
CA ARG A 219 -20.49 -20.90 5.28
C ARG A 219 -19.86 -21.31 6.60
N ASN A 220 -20.66 -21.94 7.46
CA ASN A 220 -20.16 -22.53 8.70
C ASN A 220 -19.80 -23.97 8.37
N VAL A 221 -18.49 -24.25 8.22
CA VAL A 221 -18.05 -25.58 7.83
C VAL A 221 -18.25 -26.59 8.95
N ALA A 222 -18.43 -26.14 10.19
CA ALA A 222 -18.67 -27.08 11.28
C ALA A 222 -20.06 -27.68 11.19
N TYR A 223 -21.05 -26.90 10.75
CA TYR A 223 -22.43 -27.35 10.68
C TYR A 223 -22.99 -27.36 9.26
N ASP A 224 -22.18 -26.98 8.26
CA ASP A 224 -22.62 -26.94 6.87
C ASP A 224 -23.88 -26.09 6.71
N THR A 225 -23.81 -24.87 7.22
CA THR A 225 -24.92 -23.93 7.18
C THR A 225 -24.50 -22.65 6.47
N LEU A 226 -25.50 -21.93 5.96
CA LEU A 226 -25.32 -20.64 5.30
C LEU A 226 -26.03 -19.59 6.14
N PRO A 227 -25.35 -18.98 7.11
CA PRO A 227 -26.04 -18.07 8.03
C PRO A 227 -26.58 -16.84 7.32
N ILE A 228 -27.55 -16.20 7.97
CA ILE A 228 -28.16 -14.97 7.47
C ILE A 228 -27.46 -13.75 8.04
N VAL A 229 -27.19 -13.74 9.35
CA VAL A 229 -26.63 -12.60 10.05
C VAL A 229 -25.20 -12.94 10.45
N VAL A 230 -24.25 -12.08 10.06
CA VAL A 230 -22.85 -12.21 10.45
C VAL A 230 -22.58 -11.14 11.51
N HIS A 231 -22.27 -11.58 12.72
CA HIS A 231 -22.06 -10.69 13.86
C HIS A 231 -20.60 -10.77 14.29
N GLY A 232 -19.88 -9.67 14.15
CA GLY A 232 -18.50 -9.61 14.59
C GLY A 232 -18.40 -9.17 16.04
N ASN A 233 -19.00 -9.95 16.94
CA ASN A 233 -19.04 -9.60 18.34
C ASN A 233 -17.66 -9.69 18.98
N GLY A 234 -17.45 -8.87 20.01
CA GLY A 234 -16.22 -8.91 20.77
C GLY A 234 -15.00 -8.54 19.97
N PRO A 235 -13.92 -9.31 20.16
CA PRO A 235 -12.65 -8.98 19.49
C PRO A 235 -12.56 -9.55 18.08
N THR A 236 -13.67 -9.53 17.34
CA THR A 236 -13.69 -10.01 15.96
C THR A 236 -14.09 -8.91 14.98
N LYS A 237 -13.89 -7.65 15.35
CA LYS A 237 -14.28 -6.54 14.49
C LYS A 237 -13.48 -6.55 13.19
N LEU A 238 -12.19 -6.85 13.27
CA LEU A 238 -11.35 -6.85 12.07
C LEU A 238 -11.70 -8.03 11.16
N GLN A 239 -12.06 -9.17 11.74
CA GLN A 239 -12.50 -10.30 10.92
C GLN A 239 -13.79 -9.97 10.19
N LEU A 240 -14.68 -9.21 10.82
CA LEU A 240 -15.90 -8.78 10.14
C LEU A 240 -15.60 -7.76 9.07
N ASN A 241 -14.64 -6.86 9.32
CA ASN A 241 -14.19 -5.94 8.28
C ASN A 241 -13.70 -6.71 7.05
N TYR A 242 -12.97 -7.80 7.28
CA TYR A 242 -12.52 -8.65 6.17
C TYR A 242 -13.70 -9.24 5.42
N LEU A 243 -14.62 -9.88 6.13
CA LEU A 243 -15.80 -10.45 5.49
C LEU A 243 -16.65 -9.37 4.83
N GLY A 244 -16.72 -8.19 5.46
CA GLY A 244 -17.53 -7.11 4.93
C GLY A 244 -17.08 -6.57 3.59
N ASN A 245 -15.82 -6.83 3.22
CA ASN A 245 -15.35 -6.45 1.89
C ASN A 245 -15.94 -7.31 0.78
N TYR A 246 -16.59 -8.42 1.13
CA TYR A 246 -17.19 -9.33 0.17
C TYR A 246 -18.68 -9.51 0.38
N VAL A 247 -19.12 -9.77 1.61
CA VAL A 247 -20.50 -10.12 1.90
C VAL A 247 -21.32 -8.86 2.10
N PRO A 248 -22.45 -8.70 1.39
CA PRO A 248 -23.00 -9.61 0.38
C PRO A 248 -22.63 -9.23 -1.05
N ASN A 249 -22.39 -7.94 -1.32
CA ASN A 249 -22.09 -7.47 -2.66
C ASN A 249 -20.86 -6.56 -2.65
N GLY A 250 -19.97 -6.74 -1.68
CA GLY A 250 -18.76 -5.95 -1.60
C GLY A 250 -17.86 -6.16 -2.80
N TRP A 251 -17.34 -7.37 -2.97
CA TRP A 251 -16.58 -7.75 -4.14
C TRP A 251 -17.10 -9.09 -4.65
N THR A 252 -17.43 -9.15 -5.94
CA THR A 252 -17.94 -10.36 -6.54
C THR A 252 -17.07 -10.76 -7.74
N PRO A 253 -16.94 -12.05 -8.02
CA PRO A 253 -16.07 -12.48 -9.12
C PRO A 253 -16.45 -11.89 -10.47
N GLU A 254 -17.72 -11.58 -10.71
CA GLU A 254 -18.14 -11.05 -12.00
C GLU A 254 -18.44 -9.56 -11.99
N GLY A 255 -18.60 -8.95 -10.82
CA GLY A 255 -18.95 -7.55 -10.76
C GLY A 255 -17.87 -6.64 -10.20
N GLY A 256 -16.82 -7.23 -9.63
CA GLY A 256 -15.80 -6.43 -9.00
C GLY A 256 -16.30 -5.80 -7.71
N CYS A 257 -15.78 -4.61 -7.39
CA CYS A 257 -16.25 -3.90 -6.21
C CYS A 257 -17.72 -3.53 -6.36
N GLY A 258 -18.41 -3.42 -5.23
CA GLY A 258 -19.83 -3.10 -5.25
C GLY A 258 -20.14 -1.73 -4.68
N PHE A 259 -19.14 -1.07 -4.12
CA PHE A 259 -19.31 0.25 -3.53
C PHE A 259 -18.27 1.27 -3.98
N CYS A 260 -17.16 0.84 -4.56
CA CYS A 260 -16.13 1.77 -5.01
C CYS A 260 -16.56 2.44 -6.32
N ASN A 261 -15.73 3.37 -6.79
CA ASN A 261 -16.08 4.13 -7.99
C ASN A 261 -15.97 3.26 -9.24
N GLN A 262 -14.78 2.70 -9.49
CA GLN A 262 -14.43 1.92 -10.67
C GLN A 262 -14.48 2.74 -11.95
N ASP A 263 -14.73 4.05 -11.86
CA ASP A 263 -14.77 4.92 -13.03
C ASP A 263 -14.14 6.28 -12.72
N GLN A 271 -15.62 24.46 -11.49
CA GLN A 271 -15.58 24.03 -10.09
C GLN A 271 -14.15 23.90 -9.58
N PRO A 272 -13.88 24.44 -8.40
CA PRO A 272 -12.56 24.29 -7.79
C PRO A 272 -12.49 23.04 -6.94
N PRO A 273 -11.38 22.31 -6.99
CA PRO A 273 -11.25 21.12 -6.15
C PRO A 273 -11.00 21.49 -4.70
N PRO A 274 -11.18 20.55 -3.77
CA PRO A 274 -10.98 20.89 -2.35
C PRO A 274 -9.53 21.28 -2.05
N ARG A 275 -9.37 22.14 -1.06
CA ARG A 275 -8.04 22.52 -0.59
C ARG A 275 -7.42 21.37 0.18
N VAL A 276 -6.14 21.12 -0.06
CA VAL A 276 -5.45 19.95 0.47
C VAL A 276 -4.16 20.40 1.17
N PHE A 277 -3.92 19.84 2.36
CA PHE A 277 -2.63 19.95 3.03
C PHE A 277 -1.80 18.72 2.67
N LEU A 278 -0.72 18.93 1.93
CA LEU A 278 0.17 17.84 1.53
C LEU A 278 1.37 17.81 2.46
N ALA A 279 1.50 16.72 3.22
CA ALA A 279 2.57 16.57 4.19
C ALA A 279 3.55 15.50 3.70
N VAL A 280 4.82 15.89 3.57
CA VAL A 280 5.88 15.00 3.13
C VAL A 280 6.78 14.71 4.34
N PHE A 281 7.13 13.44 4.53
CA PHE A 281 7.91 13.00 5.68
C PHE A 281 9.16 12.28 5.20
N VAL A 282 10.32 12.76 5.65
CA VAL A 282 11.61 12.15 5.34
C VAL A 282 12.22 11.76 6.68
N GLU A 283 11.99 10.52 7.12
CA GLU A 283 12.39 10.07 8.44
C GLU A 283 13.58 9.12 8.41
N GLN A 284 14.21 8.93 7.25
CA GLN A 284 15.38 8.10 7.12
C GLN A 284 16.08 8.46 5.82
N PRO A 285 17.37 8.13 5.69
CA PRO A 285 18.02 8.31 4.38
C PRO A 285 17.35 7.45 3.33
N THR A 286 16.74 8.11 2.35
CA THR A 286 15.93 7.45 1.35
C THR A 286 16.46 7.76 -0.05
N PRO A 287 16.60 6.76 -0.92
CA PRO A 287 17.17 7.00 -2.24
C PRO A 287 16.26 7.80 -3.14
N PHE A 288 16.87 8.46 -4.12
CA PHE A 288 16.16 9.18 -5.18
C PHE A 288 15.24 10.26 -4.64
N LEU A 289 15.63 10.91 -3.54
CA LEU A 289 14.81 12.00 -3.02
C LEU A 289 14.72 13.19 -3.97
N PRO A 290 15.79 13.62 -4.67
CA PRO A 290 15.59 14.67 -5.68
C PRO A 290 14.52 14.34 -6.70
N ARG A 291 14.45 13.08 -7.12
CA ARG A 291 13.39 12.68 -8.04
CA ARG A 291 13.39 12.68 -8.04
C ARG A 291 12.02 12.76 -7.39
N PHE A 292 11.94 12.47 -6.09
CA PHE A 292 10.68 12.60 -5.37
C PHE A 292 10.27 14.06 -5.26
N LEU A 293 11.21 14.94 -4.89
CA LEU A 293 10.91 16.36 -4.77
C LEU A 293 10.49 16.94 -6.11
N GLN A 294 11.18 16.57 -7.19
CA GLN A 294 10.77 17.00 -8.52
C GLN A 294 9.43 16.42 -8.91
N ARG A 295 9.11 15.22 -8.44
CA ARG A 295 7.83 14.61 -8.75
C ARG A 295 6.66 15.34 -8.09
N LEU A 296 6.92 16.01 -6.97
CA LEU A 296 5.87 16.79 -6.32
C LEU A 296 5.31 17.88 -7.24
N LEU A 297 6.16 18.44 -8.10
CA LEU A 297 5.72 19.45 -9.06
C LEU A 297 4.87 18.88 -10.17
N LEU A 298 4.83 17.56 -10.33
CA LEU A 298 4.13 16.92 -11.43
C LEU A 298 2.81 16.29 -11.03
N LEU A 299 2.48 16.26 -9.73
CA LEU A 299 1.21 15.69 -9.29
C LEU A 299 0.05 16.47 -9.90
N ASP A 300 -0.87 15.76 -10.55
CA ASP A 300 -1.95 16.39 -11.29
C ASP A 300 -3.05 16.83 -10.32
N TYR A 301 -2.79 17.97 -9.67
CA TYR A 301 -3.77 18.62 -8.79
C TYR A 301 -3.42 20.09 -8.77
N PRO A 302 -4.39 21.00 -8.83
CA PRO A 302 -4.08 22.43 -8.91
C PRO A 302 -3.23 22.88 -7.73
N PRO A 303 -1.98 23.28 -7.98
CA PRO A 303 -1.09 23.62 -6.87
C PRO A 303 -1.53 24.82 -6.07
N ASP A 304 -2.35 25.70 -6.64
CA ASP A 304 -2.94 26.80 -5.88
C ASP A 304 -3.89 26.31 -4.79
N ARG A 305 -4.24 25.03 -4.78
CA ARG A 305 -5.14 24.45 -3.79
C ARG A 305 -4.42 23.55 -2.79
N VAL A 306 -3.09 23.50 -2.83
CA VAL A 306 -2.31 22.58 -2.02
C VAL A 306 -1.32 23.36 -1.16
N THR A 307 -1.30 23.05 0.13
CA THR A 307 -0.30 23.58 1.05
C THR A 307 0.70 22.47 1.36
N LEU A 308 1.99 22.78 1.27
CA LEU A 308 3.04 21.78 1.39
C LEU A 308 3.69 21.88 2.77
N PHE A 309 3.74 20.74 3.47
CA PHE A 309 4.50 20.59 4.70
C PHE A 309 5.53 19.48 4.49
N LEU A 310 6.78 19.77 4.83
CA LEU A 310 7.86 18.80 4.64
C LEU A 310 8.70 18.76 5.91
N HIS A 311 8.73 17.59 6.54
CA HIS A 311 9.61 17.35 7.67
C HIS A 311 10.78 16.48 7.20
N ASN A 312 12.00 16.99 7.34
CA ASN A 312 13.21 16.26 7.02
C ASN A 312 14.00 16.02 8.31
N ASN A 313 14.17 14.75 8.66
CA ASN A 313 14.92 14.37 9.86
C ASN A 313 16.38 14.08 9.57
N GLU A 314 16.79 14.06 8.30
CA GLU A 314 18.13 13.66 7.91
C GLU A 314 18.92 14.87 7.41
N VAL A 315 20.10 15.07 7.98
CA VAL A 315 21.01 16.10 7.46
C VAL A 315 21.55 15.72 6.09
N PHE A 316 21.49 14.43 5.75
CA PHE A 316 21.92 13.98 4.43
C PHE A 316 21.03 14.54 3.32
N HIS A 317 19.77 14.83 3.64
CA HIS A 317 18.81 15.32 2.66
C HIS A 317 18.63 16.82 2.67
N GLU A 318 19.32 17.54 3.56
CA GLU A 318 19.23 19.00 3.56
C GLU A 318 19.64 19.62 2.23
N PRO A 319 20.74 19.22 1.58
CA PRO A 319 21.04 19.79 0.26
C PRO A 319 19.98 19.44 -0.78
N HIS A 320 19.42 18.23 -0.71
CA HIS A 320 18.36 17.85 -1.65
C HIS A 320 17.13 18.75 -1.48
N ILE A 321 16.73 18.97 -0.23
CA ILE A 321 15.58 19.84 0.04
C ILE A 321 15.89 21.27 -0.38
N ALA A 322 17.13 21.72 -0.19
CA ALA A 322 17.47 23.10 -0.50
C ALA A 322 17.44 23.37 -1.99
N ASP A 323 17.86 22.40 -2.81
CA ASP A 323 17.86 22.60 -4.25
C ASP A 323 16.44 22.72 -4.79
N SER A 324 15.50 21.94 -4.25
CA SER A 324 14.15 21.90 -4.75
C SER A 324 13.23 22.95 -4.12
N TRP A 325 13.63 23.53 -3.00
CA TRP A 325 12.73 24.42 -2.26
C TRP A 325 12.27 25.64 -3.06
N PRO A 326 13.13 26.34 -3.83
CA PRO A 326 12.60 27.47 -4.62
C PRO A 326 11.51 27.09 -5.58
N GLN A 327 11.65 25.94 -6.27
CA GLN A 327 10.62 25.50 -7.19
C GLN A 327 9.33 25.12 -6.44
N LEU A 328 9.46 24.49 -5.29
CA LEU A 328 8.30 24.10 -4.51
C LEU A 328 7.55 25.33 -4.01
N GLN A 329 8.28 26.31 -3.47
CA GLN A 329 7.64 27.52 -2.96
C GLN A 329 6.97 28.32 -4.07
N ASP A 330 7.55 28.32 -5.27
CA ASP A 330 6.93 28.99 -6.40
C ASP A 330 5.74 28.21 -6.95
N HIS A 331 5.62 26.93 -6.62
CA HIS A 331 4.60 26.07 -7.19
C HIS A 331 3.33 26.04 -6.35
N PHE A 332 3.46 25.71 -5.06
CA PHE A 332 2.29 25.47 -4.21
C PHE A 332 1.78 26.78 -3.61
N SER A 333 0.60 26.67 -2.99
CA SER A 333 -0.02 27.84 -2.35
C SER A 333 0.82 28.31 -1.16
N ALA A 334 1.38 27.38 -0.40
CA ALA A 334 2.21 27.72 0.75
C ALA A 334 3.09 26.52 1.06
N VAL A 335 4.26 26.79 1.63
CA VAL A 335 5.23 25.76 1.98
C VAL A 335 5.72 26.00 3.40
N LYS A 336 6.16 24.92 4.04
CA LYS A 336 6.75 25.02 5.38
C LYS A 336 7.68 23.83 5.58
N LEU A 337 8.95 24.12 5.83
CA LEU A 337 9.96 23.09 6.07
C LEU A 337 10.27 23.00 7.55
N VAL A 338 10.27 21.79 8.09
CA VAL A 338 10.74 21.51 9.44
C VAL A 338 11.97 20.63 9.30
N GLY A 339 13.14 21.20 9.56
CA GLY A 339 14.39 20.53 9.30
C GLY A 339 14.88 19.69 10.48
N PRO A 340 16.05 19.09 10.32
CA PRO A 340 16.59 18.25 11.39
C PRO A 340 16.95 19.02 12.65
N GLU A 341 17.19 20.33 12.55
CA GLU A 341 17.58 21.10 13.71
C GLU A 341 16.46 21.22 14.74
N GLU A 342 15.22 20.90 14.36
CA GLU A 342 14.11 20.90 15.31
C GLU A 342 14.13 19.71 16.25
N ALA A 343 14.91 18.66 15.94
CA ALA A 343 15.02 17.47 16.77
C ALA A 343 13.66 16.82 17.02
N LEU A 344 12.84 16.78 15.97
CA LEU A 344 11.51 16.21 16.05
C LEU A 344 11.57 14.71 15.78
N SER A 345 10.89 13.93 16.62
CA SER A 345 10.73 12.51 16.34
C SER A 345 9.67 12.33 15.25
N PRO A 346 9.71 11.20 14.54
CA PRO A 346 8.69 10.98 13.50
C PRO A 346 7.27 11.11 14.00
N GLY A 347 6.98 10.59 15.21
CA GLY A 347 5.63 10.71 15.74
C GLY A 347 5.24 12.13 16.07
N GLU A 348 6.20 12.96 16.49
CA GLU A 348 5.90 14.35 16.77
C GLU A 348 5.69 15.14 15.47
N ALA A 349 6.45 14.80 14.43
CA ALA A 349 6.31 15.49 13.15
C ALA A 349 4.98 15.14 12.49
N ARG A 350 4.58 13.88 12.55
CA ARG A 350 3.31 13.48 11.96
C ARG A 350 2.13 14.01 12.76
N ASP A 351 2.27 14.11 14.08
CA ASP A 351 1.24 14.77 14.88
C ASP A 351 1.13 16.25 14.52
N MET A 352 2.28 16.92 14.30
CA MET A 352 2.28 18.34 14.01
C MET A 352 1.63 18.64 12.67
N ALA A 353 2.01 17.89 11.63
CA ALA A 353 1.47 18.14 10.30
C ALA A 353 -0.03 17.86 10.26
N MET A 354 -0.46 16.74 10.84
CA MET A 354 -1.88 16.42 10.87
C MET A 354 -2.66 17.46 11.66
N ASP A 355 -2.09 17.97 12.75
CA ASP A 355 -2.80 18.97 13.55
C ASP A 355 -2.84 20.32 12.84
N LEU A 356 -1.85 20.61 11.99
CA LEU A 356 -1.91 21.84 11.20
C LEU A 356 -3.12 21.84 10.27
N CYS A 357 -3.48 20.67 9.74
CA CYS A 357 -4.70 20.57 8.94
C CYS A 357 -5.94 20.58 9.82
N ARG A 358 -5.89 19.91 10.97
CA ARG A 358 -7.04 19.85 11.86
C ARG A 358 -7.45 21.23 12.33
N GLN A 359 -6.47 22.02 12.81
CA GLN A 359 -6.73 23.34 13.35
C GLN A 359 -6.93 24.40 12.26
N ASP A 360 -7.00 24.00 11.00
CA ASP A 360 -7.27 24.91 9.89
C ASP A 360 -8.58 24.53 9.24
N PRO A 361 -9.66 25.30 9.43
CA PRO A 361 -10.94 24.93 8.81
C PRO A 361 -10.89 24.90 7.30
N GLU A 362 -9.92 25.58 6.67
CA GLU A 362 -9.80 25.55 5.23
C GLU A 362 -9.18 24.27 4.69
N CYS A 363 -8.59 23.44 5.55
CA CYS A 363 -8.03 22.16 5.12
C CYS A 363 -9.16 21.16 4.96
N GLU A 364 -9.53 20.88 3.72
CA GLU A 364 -10.60 19.93 3.46
C GLU A 364 -10.11 18.49 3.39
N PHE A 365 -8.86 18.27 2.98
CA PHE A 365 -8.28 16.94 2.93
C PHE A 365 -6.81 17.00 3.34
N TYR A 366 -6.35 15.94 4.00
CA TYR A 366 -4.97 15.84 4.45
C TYR A 366 -4.32 14.67 3.73
N PHE A 367 -3.25 14.95 2.98
CA PHE A 367 -2.54 13.96 2.19
C PHE A 367 -1.15 13.77 2.80
N SER A 368 -0.91 12.59 3.37
CA SER A 368 0.38 12.27 3.98
C SER A 368 1.13 11.32 3.05
N LEU A 369 2.28 11.79 2.55
CA LEU A 369 3.08 11.04 1.59
C LEU A 369 4.49 10.91 2.13
N ASP A 370 4.96 9.67 2.26
CA ASP A 370 6.31 9.41 2.76
C ASP A 370 7.31 9.39 1.61
N ALA A 371 8.58 9.64 1.96
CA ALA A 371 9.63 9.80 0.96
C ALA A 371 9.93 8.53 0.19
N ASP A 372 9.64 7.36 0.75
CA ASP A 372 9.87 6.09 0.06
C ASP A 372 8.67 5.67 -0.77
N ALA A 373 7.69 6.55 -0.95
CA ALA A 373 6.50 6.26 -1.76
C ALA A 373 6.68 6.89 -3.13
N VAL A 374 6.77 6.07 -4.17
CA VAL A 374 6.89 6.53 -5.54
C VAL A 374 5.51 6.48 -6.17
N LEU A 375 4.96 7.64 -6.50
CA LEU A 375 3.63 7.74 -7.10
C LEU A 375 3.79 7.80 -8.62
N THR A 376 3.63 6.65 -9.28
CA THR A 376 3.67 6.66 -10.74
C THR A 376 2.40 7.28 -11.33
N ASN A 377 1.27 7.11 -10.66
CA ASN A 377 0.01 7.69 -11.09
C ASN A 377 -0.08 9.12 -10.56
N LEU A 378 0.09 10.09 -11.47
CA LEU A 378 0.02 11.49 -11.08
C LEU A 378 -1.37 11.93 -10.67
N GLN A 379 -2.40 11.12 -10.92
CA GLN A 379 -3.77 11.43 -10.54
C GLN A 379 -4.16 10.78 -9.22
N THR A 380 -3.19 10.46 -8.36
CA THR A 380 -3.48 9.71 -7.15
C THR A 380 -4.32 10.52 -6.18
N LEU A 381 -3.98 11.79 -5.97
CA LEU A 381 -4.72 12.61 -5.01
C LEU A 381 -6.17 12.78 -5.43
N ARG A 382 -6.41 13.00 -6.72
CA ARG A 382 -7.78 13.11 -7.21
C ARG A 382 -8.55 11.82 -6.96
N ILE A 383 -8.05 10.70 -7.49
CA ILE A 383 -8.75 9.41 -7.41
C ILE A 383 -9.16 9.10 -5.98
N LEU A 384 -8.27 9.36 -5.02
CA LEU A 384 -8.59 9.06 -3.63
C LEU A 384 -9.67 9.99 -3.08
N ILE A 385 -9.66 11.25 -3.49
CA ILE A 385 -10.69 12.18 -3.02
C ILE A 385 -12.05 11.82 -3.61
N GLU A 386 -12.07 11.38 -4.88
CA GLU A 386 -13.32 10.96 -5.50
C GLU A 386 -13.92 9.73 -4.81
N GLU A 387 -13.11 8.92 -4.15
CA GLU A 387 -13.63 7.74 -3.47
C GLU A 387 -14.48 8.10 -2.26
N ASN A 388 -14.37 9.33 -1.75
CA ASN A 388 -15.28 9.86 -0.74
C ASN A 388 -15.27 9.02 0.53
N ARG A 389 -14.06 8.64 0.98
CA ARG A 389 -13.88 7.91 2.21
C ARG A 389 -13.28 8.81 3.28
N LYS A 390 -13.46 8.43 4.54
CA LYS A 390 -12.84 9.17 5.63
C LYS A 390 -11.32 9.02 5.59
N VAL A 391 -10.84 7.79 5.48
CA VAL A 391 -9.42 7.49 5.36
C VAL A 391 -9.24 6.48 4.24
N ILE A 392 -8.38 6.80 3.27
CA ILE A 392 -8.13 5.89 2.16
C ILE A 392 -6.67 6.01 1.75
N ALA A 393 -6.06 4.86 1.47
CA ALA A 393 -4.67 4.75 1.09
C ALA A 393 -4.56 4.10 -0.29
N PRO A 394 -3.66 4.58 -1.15
CA PRO A 394 -3.38 3.86 -2.39
C PRO A 394 -2.42 2.72 -2.15
N MET A 395 -2.66 1.60 -2.81
CA MET A 395 -1.81 0.43 -2.61
C MET A 395 -0.48 0.63 -3.33
N LEU A 396 0.61 0.56 -2.56
CA LEU A 396 1.97 0.65 -3.09
C LEU A 396 2.74 -0.56 -2.61
N SER A 397 3.50 -1.19 -3.51
CA SER A 397 4.23 -2.39 -3.19
C SER A 397 5.69 -2.25 -3.58
N ARG A 398 6.56 -2.96 -2.85
CA ARG A 398 7.93 -3.15 -3.30
C ARG A 398 7.90 -3.88 -4.64
N HIS A 399 8.71 -3.40 -5.58
CA HIS A 399 8.67 -3.92 -6.94
C HIS A 399 9.01 -5.41 -6.95
N GLY A 400 8.14 -6.20 -7.57
CA GLY A 400 8.33 -7.63 -7.66
C GLY A 400 8.17 -8.40 -6.38
N LYS A 401 7.85 -7.74 -5.28
CA LYS A 401 7.73 -8.37 -3.97
C LYS A 401 6.30 -8.26 -3.47
N LEU A 402 6.03 -8.94 -2.36
CA LEU A 402 4.72 -8.88 -1.73
C LEU A 402 4.62 -7.80 -0.65
N TRP A 403 5.75 -7.27 -0.18
CA TRP A 403 5.71 -6.21 0.82
C TRP A 403 5.01 -4.99 0.25
N SER A 404 4.10 -4.41 1.02
CA SER A 404 3.30 -3.28 0.57
C SER A 404 2.97 -2.39 1.76
N ASN A 405 2.26 -1.29 1.48
CA ASN A 405 1.96 -0.27 2.46
C ASN A 405 0.68 -0.54 3.24
N PHE A 406 0.30 -1.81 3.41
CA PHE A 406 -0.88 -2.14 4.18
C PHE A 406 -0.75 -3.56 4.71
N TRP A 407 -1.52 -3.84 5.76
CA TRP A 407 -1.61 -5.18 6.33
C TRP A 407 -3.04 -5.69 6.14
N GLY A 408 -3.16 -7.00 5.93
CA GLY A 408 -4.47 -7.61 5.80
C GLY A 408 -4.99 -8.12 7.13
N ALA A 409 -4.09 -8.39 8.07
CA ALA A 409 -4.49 -8.96 9.36
C ALA A 409 -3.48 -8.56 10.43
N LEU A 410 -3.89 -8.76 11.67
CA LEU A 410 -3.04 -8.53 12.83
C LEU A 410 -2.94 -9.81 13.66
N SER A 411 -1.79 -9.99 14.30
CA SER A 411 -1.71 -10.96 15.37
C SER A 411 -2.43 -10.42 16.60
N PRO A 412 -2.75 -11.28 17.56
CA PRO A 412 -3.36 -10.78 18.80
C PRO A 412 -2.54 -9.69 19.49
N ASP A 413 -1.21 -9.73 19.38
CA ASP A 413 -0.38 -8.64 19.88
C ASP A 413 -0.25 -7.51 18.88
N GLU A 414 -1.06 -7.49 17.83
CA GLU A 414 -1.16 -6.38 16.89
C GLU A 414 0.13 -6.18 16.08
N TYR A 415 0.87 -7.27 15.87
CA TYR A 415 1.96 -7.28 14.91
C TYR A 415 1.45 -7.84 13.59
N TYR A 416 2.31 -7.84 12.58
CA TYR A 416 1.87 -8.21 11.23
C TYR A 416 1.43 -9.67 11.19
N ALA A 417 0.42 -9.92 10.36
CA ALA A 417 -0.03 -11.26 10.02
C ALA A 417 -0.61 -11.23 8.61
N ARG A 418 -0.40 -12.31 7.87
CA ARG A 418 -0.90 -12.38 6.51
C ARG A 418 -2.36 -12.82 6.50
N SER A 419 -3.20 -12.06 5.81
CA SER A 419 -4.61 -12.39 5.69
C SER A 419 -4.81 -13.41 4.56
N GLU A 420 -6.03 -13.97 4.50
CA GLU A 420 -6.31 -15.00 3.51
C GLU A 420 -6.22 -14.46 2.09
N ASP A 421 -6.62 -13.21 1.88
CA ASP A 421 -6.68 -12.62 0.55
C ASP A 421 -5.58 -11.58 0.32
N TYR A 422 -4.56 -11.56 1.17
CA TYR A 422 -3.52 -10.54 1.06
C TYR A 422 -2.78 -10.65 -0.28
N VAL A 423 -2.37 -11.86 -0.65
CA VAL A 423 -1.61 -12.04 -1.88
C VAL A 423 -2.48 -11.72 -3.10
N GLU A 424 -3.77 -12.06 -3.04
CA GLU A 424 -4.67 -11.73 -4.14
C GLU A 424 -4.78 -10.22 -4.31
N LEU A 425 -4.76 -9.47 -3.20
CA LEU A 425 -4.87 -8.01 -3.29
C LEU A 425 -3.57 -7.40 -3.82
N VAL A 426 -2.43 -7.82 -3.27
CA VAL A 426 -1.15 -7.29 -3.71
C VAL A 426 -0.91 -7.58 -5.18
N GLN A 427 -1.22 -8.82 -5.61
CA GLN A 427 -1.10 -9.18 -7.02
C GLN A 427 -2.26 -8.66 -7.85
N ARG A 428 -3.23 -7.98 -7.23
CA ARG A 428 -4.35 -7.37 -7.94
C ARG A 428 -5.17 -8.41 -8.71
N LYS A 429 -5.21 -9.64 -8.19
CA LYS A 429 -6.19 -10.61 -8.67
C LYS A 429 -7.60 -10.13 -8.39
N ARG A 430 -7.80 -9.47 -7.24
CA ARG A 430 -9.04 -8.84 -6.86
C ARG A 430 -8.76 -7.36 -6.64
N VAL A 431 -9.46 -6.50 -7.38
CA VAL A 431 -9.28 -5.06 -7.27
C VAL A 431 -10.54 -4.43 -6.71
N GLY A 432 -10.35 -3.33 -5.98
CA GLY A 432 -11.45 -2.64 -5.35
C GLY A 432 -10.94 -1.71 -4.26
N VAL A 433 -11.82 -1.39 -3.33
CA VAL A 433 -11.48 -0.60 -2.15
C VAL A 433 -11.77 -1.44 -0.93
N TRP A 434 -10.73 -1.70 -0.14
CA TRP A 434 -10.77 -2.72 0.91
C TRP A 434 -10.62 -2.09 2.29
N ASN A 435 -11.39 -2.62 3.25
CA ASN A 435 -11.29 -2.22 4.64
C ASN A 435 -10.20 -3.06 5.31
N VAL A 436 -9.08 -2.44 5.63
CA VAL A 436 -7.91 -3.15 6.12
C VAL A 436 -7.52 -2.61 7.50
N PRO A 437 -6.85 -3.42 8.33
CA PRO A 437 -6.49 -2.95 9.68
C PRO A 437 -5.28 -2.04 9.74
N TYR A 438 -4.48 -1.93 8.67
CA TYR A 438 -3.24 -1.16 8.72
C TYR A 438 -2.95 -0.57 7.35
N ILE A 439 -2.60 0.72 7.33
CA ILE A 439 -2.12 1.41 6.14
C ILE A 439 -0.92 2.26 6.55
N SER A 440 -0.11 2.63 5.56
CA SER A 440 1.08 3.43 5.83
C SER A 440 1.57 4.08 4.55
N GLN A 441 2.50 5.03 4.73
CA GLN A 441 3.31 5.61 3.66
C GLN A 441 2.54 6.55 2.73
N ALA A 442 1.23 6.36 2.60
CA ALA A 442 0.43 7.23 1.74
C ALA A 442 -1.03 7.05 2.08
N TYR A 443 -1.69 8.12 2.51
CA TYR A 443 -3.12 8.07 2.78
C TYR A 443 -3.71 9.47 2.77
N VAL A 444 -4.97 9.56 2.38
CA VAL A 444 -5.71 10.82 2.32
C VAL A 444 -6.81 10.75 3.37
N ILE A 445 -6.83 11.73 4.27
CA ILE A 445 -7.74 11.76 5.41
C ILE A 445 -8.62 12.99 5.32
N ARG A 446 -9.93 12.79 5.46
CA ARG A 446 -10.87 13.90 5.41
C ARG A 446 -10.63 14.86 6.57
N GLY A 447 -10.58 16.15 6.26
CA GLY A 447 -10.34 17.15 7.29
C GLY A 447 -11.41 17.16 8.36
N ASP A 448 -12.67 17.00 7.95
CA ASP A 448 -13.77 16.97 8.91
C ASP A 448 -13.59 15.85 9.92
N THR A 449 -13.08 14.70 9.48
CA THR A 449 -12.87 13.58 10.39
C THR A 449 -11.83 13.93 11.45
N LEU A 450 -10.78 14.66 11.07
CA LEU A 450 -9.76 15.05 12.04
C LEU A 450 -10.34 15.98 13.10
N ARG A 451 -11.35 16.79 12.76
CA ARG A 451 -11.88 17.73 13.73
C ARG A 451 -12.97 17.10 14.59
N MET A 452 -13.89 16.36 13.96
CA MET A 452 -15.06 15.85 14.65
C MET A 452 -14.81 14.52 15.36
N GLU A 453 -13.97 13.65 14.82
CA GLU A 453 -13.83 12.30 15.36
C GLU A 453 -12.47 12.00 15.96
N LEU A 454 -11.38 12.57 15.46
CA LEU A 454 -10.04 12.36 16.01
C LEU A 454 -9.43 13.70 16.38
N PRO A 455 -9.96 14.39 17.38
CA PRO A 455 -9.49 15.74 17.71
C PRO A 455 -8.21 15.78 18.53
N GLN A 456 -7.77 14.65 19.08
CA GLN A 456 -6.61 14.66 19.96
C GLN A 456 -5.33 14.94 19.18
N ARG A 457 -4.35 15.51 19.88
CA ARG A 457 -3.05 15.77 19.27
C ARG A 457 -2.22 14.50 19.13
N ASP A 458 -2.22 13.66 20.17
CA ASP A 458 -1.37 12.47 20.21
C ASP A 458 -2.03 11.35 19.41
N VAL A 459 -1.91 11.47 18.09
CA VAL A 459 -2.35 10.41 17.18
C VAL A 459 -1.23 9.41 16.92
N PHE A 460 -0.05 9.92 16.56
CA PHE A 460 1.11 9.07 16.30
C PHE A 460 1.99 8.87 17.53
N SER A 461 1.89 9.75 18.53
CA SER A 461 2.73 9.71 19.71
C SER A 461 1.89 9.30 20.93
N GLY A 462 2.55 9.29 22.09
CA GLY A 462 1.90 9.03 23.36
C GLY A 462 2.29 7.71 24.01
N SER A 463 2.58 6.69 23.20
CA SER A 463 2.87 5.36 23.70
C SER A 463 4.18 4.86 23.12
N ASP A 464 4.70 3.78 23.70
CA ASP A 464 5.92 3.15 23.21
C ASP A 464 5.70 2.33 21.95
N THR A 465 4.48 2.30 21.43
CA THR A 465 4.23 1.60 20.18
C THR A 465 4.71 2.43 19.00
N ASP A 466 4.91 1.76 17.87
CA ASP A 466 5.42 2.43 16.68
C ASP A 466 4.44 3.51 16.23
N PRO A 467 4.95 4.67 15.79
CA PRO A 467 4.02 5.76 15.40
C PRO A 467 3.05 5.36 14.29
N ASP A 468 3.49 4.54 13.34
CA ASP A 468 2.59 4.11 12.28
C ASP A 468 1.49 3.20 12.81
N MET A 469 1.85 2.32 13.75
CA MET A 469 0.84 1.46 14.36
C MET A 469 -0.10 2.26 15.26
N ALA A 470 0.44 3.25 15.98
CA ALA A 470 -0.41 4.09 16.82
C ALA A 470 -1.40 4.88 15.98
N PHE A 471 -0.98 5.31 14.79
CA PHE A 471 -1.89 6.03 13.89
C PHE A 471 -3.07 5.15 13.50
N CYS A 472 -2.79 3.95 12.99
CA CYS A 472 -3.87 3.05 12.59
C CYS A 472 -4.74 2.66 13.78
N LYS A 473 -4.11 2.39 14.93
CA LYS A 473 -4.88 1.98 16.10
C LYS A 473 -5.74 3.11 16.63
N SER A 474 -5.35 4.37 16.39
CA SER A 474 -6.16 5.50 16.83
C SER A 474 -7.47 5.57 16.07
N PHE A 475 -7.43 5.28 14.76
CA PHE A 475 -8.65 5.32 13.96
C PHE A 475 -9.51 4.09 14.17
N ARG A 476 -8.90 2.92 14.39
CA ARG A 476 -9.69 1.72 14.66
C ARG A 476 -10.44 1.84 15.97
N ASP A 477 -9.84 2.47 16.98
CA ASP A 477 -10.50 2.63 18.27
C ASP A 477 -11.75 3.50 18.18
N LYS A 478 -11.86 4.32 17.13
CA LYS A 478 -13.02 5.18 16.92
C LYS A 478 -13.98 4.61 15.88
N GLY A 479 -13.77 3.37 15.45
CA GLY A 479 -14.61 2.79 14.41
C GLY A 479 -14.41 3.37 13.03
N ILE A 480 -13.33 4.10 12.81
CA ILE A 480 -13.05 4.67 11.49
C ILE A 480 -12.39 3.60 10.63
N PHE A 481 -12.98 3.34 9.46
CA PHE A 481 -12.40 2.35 8.56
C PHE A 481 -11.13 2.90 7.93
N LEU A 482 -10.14 2.02 7.76
CA LEU A 482 -8.93 2.33 7.01
C LEU A 482 -9.05 1.67 5.64
N HIS A 483 -9.26 2.48 4.61
CA HIS A 483 -9.52 1.96 3.28
C HIS A 483 -8.24 1.87 2.47
N LEU A 484 -8.21 0.89 1.55
CA LEU A 484 -7.08 0.69 0.66
C LEU A 484 -7.62 0.40 -0.74
N SER A 485 -7.14 1.17 -1.71
CA SER A 485 -7.60 1.05 -3.10
C SER A 485 -6.48 0.48 -3.95
N ASN A 486 -6.71 -0.69 -4.54
CA ASN A 486 -5.92 -1.19 -5.66
C ASN A 486 -6.69 -1.11 -6.97
N GLN A 487 -7.75 -0.28 -7.00
CA GLN A 487 -8.56 -0.14 -8.20
C GLN A 487 -7.74 0.35 -9.39
N HIS A 488 -6.68 1.11 -9.13
CA HIS A 488 -5.77 1.56 -10.16
C HIS A 488 -4.34 1.21 -9.77
N GLU A 489 -3.44 1.33 -10.75
CA GLU A 489 -2.01 1.29 -10.47
C GLU A 489 -1.59 2.65 -9.94
N PHE A 490 -1.06 2.69 -8.71
CA PHE A 490 -0.70 3.95 -8.08
C PHE A 490 0.80 4.20 -7.99
N GLY A 491 1.61 3.16 -7.80
CA GLY A 491 3.04 3.35 -7.73
C GLY A 491 3.71 2.18 -7.04
N ARG A 492 4.81 2.48 -6.34
CA ARG A 492 5.64 1.46 -5.73
C ARG A 492 6.30 2.03 -4.48
N LEU A 493 7.06 1.18 -3.80
CA LEU A 493 7.79 1.55 -2.59
C LEU A 493 9.28 1.34 -2.81
N LEU A 494 10.08 2.32 -2.43
CA LEU A 494 11.53 2.21 -2.52
C LEU A 494 12.07 1.37 -1.37
N ALA A 495 13.16 0.66 -1.64
CA ALA A 495 13.90 -0.03 -0.59
C ALA A 495 14.84 0.96 0.08
N THR A 496 14.70 1.14 1.38
CA THR A 496 15.55 2.05 2.15
C THR A 496 16.32 1.32 3.25
N SER A 497 16.29 -0.02 3.25
CA SER A 497 16.87 -0.84 4.31
C SER A 497 18.31 -0.47 4.62
N ARG A 498 19.25 -0.96 3.82
CA ARG A 498 20.66 -0.67 4.06
C ARG A 498 21.19 0.30 3.00
N TYR A 499 20.58 1.47 2.93
CA TYR A 499 21.00 2.53 2.02
C TYR A 499 22.37 3.04 2.44
N ASP A 500 23.40 2.70 1.66
CA ASP A 500 24.77 3.14 1.97
C ASP A 500 24.92 4.59 1.56
N THR A 501 25.12 5.47 2.53
CA THR A 501 25.24 6.90 2.30
C THR A 501 26.68 7.36 2.15
N GLU A 502 27.65 6.46 2.31
CA GLU A 502 29.06 6.81 2.21
C GLU A 502 29.54 6.80 0.76
N HIS A 503 28.93 7.70 -0.03
CA HIS A 503 29.34 7.91 -1.41
C HIS A 503 29.07 9.36 -1.77
N LEU A 504 29.80 9.85 -2.79
CA LEU A 504 29.51 11.17 -3.32
C LEU A 504 28.13 11.20 -3.96
N HIS A 505 27.75 10.10 -4.61
CA HIS A 505 26.42 9.94 -5.19
C HIS A 505 25.93 8.55 -4.85
N PRO A 506 25.35 8.37 -3.65
CA PRO A 506 24.94 7.02 -3.23
C PRO A 506 23.96 6.35 -4.17
N ASP A 507 23.14 7.12 -4.89
CA ASP A 507 22.15 6.51 -5.76
C ASP A 507 22.77 5.77 -6.94
N LEU A 508 24.07 5.94 -7.19
CA LEU A 508 24.74 5.13 -8.20
C LEU A 508 24.78 3.66 -7.79
N TRP A 509 24.82 3.37 -6.50
CA TRP A 509 24.92 2.02 -5.97
C TRP A 509 23.56 1.37 -5.76
N GLN A 510 22.47 2.01 -6.16
CA GLN A 510 21.12 1.50 -5.94
C GLN A 510 20.60 0.66 -7.09
N ILE A 511 21.48 0.08 -7.90
CA ILE A 511 21.03 -0.72 -9.03
C ILE A 511 20.43 -2.04 -8.57
N PHE A 512 20.84 -2.54 -7.40
CA PHE A 512 20.30 -3.81 -6.91
C PHE A 512 19.00 -3.61 -6.15
N ASP A 513 18.97 -2.64 -5.24
CA ASP A 513 17.82 -2.50 -4.34
C ASP A 513 16.62 -1.86 -5.03
N ASN A 514 16.86 -0.89 -5.92
CA ASN A 514 15.80 -0.18 -6.63
C ASN A 514 16.12 -0.13 -8.12
N PRO A 515 16.01 -1.26 -8.81
CA PRO A 515 16.43 -1.28 -10.22
C PRO A 515 15.49 -0.50 -11.14
N VAL A 516 14.21 -0.41 -10.82
CA VAL A 516 13.28 0.31 -11.68
C VAL A 516 13.58 1.81 -11.65
N ASP A 517 13.76 2.37 -10.46
CA ASP A 517 14.09 3.79 -10.35
C ASP A 517 15.52 4.07 -10.79
N TRP A 518 16.42 3.10 -10.62
CA TRP A 518 17.80 3.28 -11.07
C TRP A 518 17.85 3.38 -12.59
N LYS A 519 17.03 2.59 -13.29
CA LYS A 519 17.01 2.65 -14.75
C LYS A 519 16.46 3.99 -15.23
N GLU A 520 15.37 4.47 -14.63
CA GLU A 520 14.78 5.73 -15.04
C GLU A 520 15.70 6.91 -14.79
N GLN A 521 16.65 6.79 -13.86
CA GLN A 521 17.53 7.90 -13.53
C GLN A 521 18.86 7.82 -14.25
N TYR A 522 19.42 6.61 -14.40
CA TYR A 522 20.78 6.45 -14.91
C TYR A 522 20.86 5.81 -16.28
N ILE A 523 19.91 4.96 -16.66
CA ILE A 523 19.92 4.38 -18.00
C ILE A 523 19.35 5.41 -18.98
N HIS A 524 19.98 5.50 -20.15
CA HIS A 524 19.55 6.44 -21.17
C HIS A 524 18.07 6.24 -21.50
N GLU A 525 17.37 7.34 -21.73
CA GLU A 525 15.92 7.28 -21.97
C GLU A 525 15.57 6.59 -23.28
N ASN A 526 16.53 6.34 -24.15
CA ASN A 526 16.29 5.68 -25.43
C ASN A 526 16.85 4.28 -25.50
N TYR A 527 17.47 3.78 -24.42
CA TYR A 527 18.01 2.42 -24.45
C TYR A 527 16.92 1.42 -24.79
N SER A 528 15.75 1.54 -24.14
CA SER A 528 14.66 0.62 -24.41
C SER A 528 14.21 0.71 -25.87
N ARG A 529 13.89 1.92 -26.32
CA ARG A 529 13.44 2.11 -27.70
C ARG A 529 14.47 1.59 -28.69
N ALA A 530 15.76 1.85 -28.43
CA ALA A 530 16.80 1.34 -29.31
C ALA A 530 16.90 -0.18 -29.25
N LEU A 531 16.54 -0.77 -28.11
CA LEU A 531 16.62 -2.22 -27.98
C LEU A 531 15.53 -2.92 -28.78
N GLU A 532 14.34 -2.32 -28.89
CA GLU A 532 13.28 -2.89 -29.71
C GLU A 532 13.47 -2.62 -31.20
N GLY A 533 14.53 -1.93 -31.59
CA GLY A 533 14.77 -1.60 -32.98
C GLY A 533 14.44 -0.14 -33.26
N GLU A 534 13.62 0.10 -34.28
CA GLU A 534 13.16 1.42 -34.71
C GLU A 534 14.29 2.34 -35.16
N GLY A 535 15.44 1.78 -35.52
CA GLY A 535 16.48 2.55 -36.19
C GLY A 535 17.11 3.64 -35.35
N ILE A 536 17.40 3.35 -34.09
CA ILE A 536 18.17 4.25 -33.25
C ILE A 536 19.64 3.85 -33.19
N VAL A 537 19.91 2.54 -33.10
CA VAL A 537 21.28 2.04 -33.11
C VAL A 537 21.90 2.29 -34.48
N GLU A 538 23.16 2.73 -34.48
CA GLU A 538 23.89 2.99 -35.71
C GLU A 538 25.08 2.05 -35.83
N GLN A 539 25.60 1.94 -37.04
CA GLN A 539 26.79 1.15 -37.34
C GLN A 539 27.77 2.07 -38.08
N PRO A 540 28.45 2.95 -37.35
CA PRO A 540 29.35 3.91 -38.02
C PRO A 540 30.53 3.25 -38.71
N CYS A 541 31.06 2.17 -38.16
CA CYS A 541 32.14 1.41 -38.75
C CYS A 541 31.72 -0.05 -38.88
N PRO A 542 32.32 -0.80 -39.81
CA PRO A 542 31.95 -2.22 -39.97
C PRO A 542 32.03 -3.01 -38.69
N ASP A 543 30.90 -3.60 -38.28
CA ASP A 543 30.78 -4.37 -37.05
C ASP A 543 31.10 -3.56 -35.80
N VAL A 544 30.96 -2.24 -35.88
CA VAL A 544 31.08 -1.36 -34.72
C VAL A 544 29.73 -0.68 -34.54
N TYR A 545 28.99 -1.07 -33.52
CA TYR A 545 27.66 -0.54 -33.28
C TYR A 545 27.70 0.58 -32.25
N TRP A 546 26.60 1.35 -32.21
CA TRP A 546 26.57 2.62 -31.51
C TRP A 546 25.15 2.84 -30.99
N PHE A 547 24.97 2.73 -29.68
CA PHE A 547 23.63 2.81 -29.09
C PHE A 547 23.68 3.65 -27.83
N PRO A 548 22.56 4.31 -27.48
CA PRO A 548 22.51 5.07 -26.23
C PRO A 548 22.38 4.15 -25.02
N LEU A 549 23.19 4.39 -24.01
CA LEU A 549 23.23 3.49 -22.86
C LEU A 549 22.98 4.23 -21.55
N LEU A 550 23.86 5.19 -21.23
CA LEU A 550 23.82 5.92 -19.97
C LEU A 550 23.21 7.29 -20.18
N SER A 551 22.44 7.75 -19.19
CA SER A 551 21.92 9.10 -19.22
C SER A 551 23.03 10.09 -18.85
N GLU A 552 22.78 11.38 -19.12
CA GLU A 552 23.78 12.40 -18.81
C GLU A 552 24.05 12.49 -17.31
N GLN A 553 23.02 12.27 -16.49
CA GLN A 553 23.22 12.28 -15.04
C GLN A 553 24.11 11.13 -14.62
N MET A 554 23.95 9.96 -15.24
CA MET A 554 24.83 8.83 -14.94
C MET A 554 26.28 9.14 -15.28
N CYS A 555 26.50 9.79 -16.43
CA CYS A 555 27.87 10.13 -16.83
C CYS A 555 28.49 11.16 -15.89
N ASP A 556 27.73 12.19 -15.53
CA ASP A 556 28.26 13.23 -14.65
C ASP A 556 28.56 12.68 -13.26
N GLU A 557 27.69 11.84 -12.73
CA GLU A 557 27.92 11.29 -11.39
C GLU A 557 29.04 10.26 -11.39
N LEU A 558 29.18 9.49 -12.47
CA LEU A 558 30.27 8.52 -12.54
C LEU A 558 31.63 9.21 -12.67
N VAL A 559 31.71 10.25 -13.50
CA VAL A 559 32.94 11.03 -13.61
C VAL A 559 33.27 11.70 -12.28
N ALA A 560 32.26 12.29 -11.63
CA ALA A 560 32.49 12.94 -10.36
C ALA A 560 32.93 11.95 -9.29
N GLU A 561 32.38 10.73 -9.32
CA GLU A 561 32.78 9.71 -8.36
C GLU A 561 34.20 9.24 -8.60
N MET A 562 34.65 9.25 -9.86
CA MET A 562 36.03 8.87 -10.16
C MET A 562 37.00 9.93 -9.67
N GLU A 563 36.71 11.20 -9.96
CA GLU A 563 37.60 12.28 -9.53
C GLU A 563 37.60 12.43 -8.02
N HIS A 564 36.48 12.14 -7.35
CA HIS A 564 36.45 12.16 -5.89
C HIS A 564 37.38 11.11 -5.32
N TYR A 565 37.54 9.98 -6.02
CA TYR A 565 38.56 9.00 -5.64
C TYR A 565 39.95 9.55 -5.95
N GLY A 566 40.15 10.04 -7.17
CA GLY A 566 41.31 10.83 -7.52
C GLY A 566 42.59 10.07 -7.80
N GLN A 567 42.68 8.80 -7.43
CA GLN A 567 43.92 8.04 -7.59
C GLN A 567 43.91 7.36 -8.96
N TRP A 568 44.28 8.13 -9.97
CA TRP A 568 44.33 7.63 -11.34
C TRP A 568 45.62 6.84 -11.55
N SER A 569 45.66 6.11 -12.67
CA SER A 569 46.82 5.29 -12.99
C SER A 569 48.01 6.16 -13.38
N GLY A 570 49.19 5.57 -13.32
CA GLY A 570 50.41 6.22 -13.75
C GLY A 570 51.33 5.24 -14.45
N GLY A 571 52.62 5.36 -14.22
CA GLY A 571 53.57 4.42 -14.80
C GLY A 571 53.38 3.03 -14.22
N ARG A 572 53.99 2.06 -14.90
CA ARG A 572 54.02 0.68 -14.43
C ARG A 572 52.64 0.02 -14.46
N HIS A 573 51.63 0.74 -14.92
CA HIS A 573 50.29 0.19 -14.96
C HIS A 573 50.14 -0.73 -16.17
N GLU A 574 49.44 -1.86 -15.96
CA GLU A 574 49.28 -2.87 -16.98
C GLU A 574 47.80 -3.08 -17.29
N ASP A 575 47.48 -3.17 -18.58
CA ASP A 575 46.14 -3.44 -19.06
C ASP A 575 46.14 -4.67 -19.94
N SER A 576 44.94 -5.21 -20.16
CA SER A 576 44.78 -6.40 -20.99
C SER A 576 44.68 -6.04 -22.47
N ARG A 577 45.61 -5.22 -22.93
CA ARG A 577 45.70 -4.83 -24.32
C ARG A 577 46.85 -5.56 -25.01
N LEU A 578 46.70 -5.76 -26.31
CA LEU A 578 47.64 -6.56 -27.09
C LEU A 578 48.16 -5.75 -28.26
N ALA A 579 49.47 -5.51 -28.27
CA ALA A 579 50.10 -4.75 -29.36
C ALA A 579 51.56 -5.13 -29.45
N GLY A 580 52.02 -5.39 -30.68
CA GLY A 580 53.42 -5.67 -30.93
C GLY A 580 53.96 -6.94 -30.28
N ASN A 584 53.59 -3.24 -23.64
CA ASN A 584 52.49 -2.94 -22.73
C ASN A 584 51.81 -1.63 -23.13
N VAL A 585 50.48 -1.66 -23.17
CA VAL A 585 49.70 -0.49 -23.61
C VAL A 585 48.83 -0.03 -22.45
N PRO A 586 49.28 0.92 -21.62
CA PRO A 586 48.47 1.33 -20.47
C PRO A 586 47.62 2.56 -20.71
N THR A 587 46.77 2.89 -19.74
CA THR A 587 45.99 4.11 -19.75
C THR A 587 45.91 4.67 -18.34
N VAL A 588 45.91 6.00 -18.23
CA VAL A 588 45.58 6.66 -16.98
C VAL A 588 44.10 6.45 -16.72
N ASP A 589 43.78 5.66 -15.70
CA ASP A 589 42.39 5.26 -15.50
C ASP A 589 42.18 4.82 -14.05
N ILE A 590 40.94 4.47 -13.73
CA ILE A 590 40.56 3.94 -12.43
C ILE A 590 39.66 2.73 -12.68
N HIS A 591 40.06 1.57 -12.19
CA HIS A 591 39.25 0.38 -12.35
C HIS A 591 38.08 0.40 -11.37
N MET A 592 36.98 -0.24 -11.78
CA MET A 592 35.79 -0.28 -10.93
C MET A 592 36.07 -0.99 -9.61
N LYS A 593 36.97 -1.97 -9.61
CA LYS A 593 37.32 -2.67 -8.38
C LYS A 593 37.95 -1.73 -7.36
N GLN A 594 38.65 -0.69 -7.83
CA GLN A 594 39.30 0.24 -6.91
C GLN A 594 38.28 1.07 -6.13
N VAL A 595 37.22 1.52 -6.81
CA VAL A 595 36.21 2.36 -6.18
C VAL A 595 35.04 1.56 -5.63
N GLY A 596 35.08 0.23 -5.73
CA GLY A 596 34.00 -0.59 -5.20
C GLY A 596 32.73 -0.56 -6.01
N TYR A 597 32.83 -0.32 -7.32
CA TYR A 597 31.66 -0.28 -8.20
C TYR A 597 31.65 -1.42 -9.20
N GLU A 598 32.45 -2.47 -8.97
CA GLU A 598 32.55 -3.56 -9.92
C GLU A 598 31.25 -4.37 -9.96
N ASP A 599 30.75 -4.79 -8.80
CA ASP A 599 29.51 -5.55 -8.75
C ASP A 599 28.36 -4.76 -9.36
N GLN A 600 28.36 -3.44 -9.16
CA GLN A 600 27.29 -2.61 -9.71
C GLN A 600 27.39 -2.54 -11.23
N TRP A 601 28.60 -2.31 -11.76
CA TRP A 601 28.75 -2.20 -13.20
C TRP A 601 28.55 -3.55 -13.89
N LEU A 602 28.94 -4.65 -13.23
CA LEU A 602 28.68 -5.97 -13.79
C LEU A 602 27.18 -6.24 -13.89
N GLN A 603 26.39 -5.67 -12.98
CA GLN A 603 24.94 -5.82 -13.07
C GLN A 603 24.39 -5.02 -14.25
N LEU A 604 24.94 -3.81 -14.48
CA LEU A 604 24.55 -3.05 -15.66
C LEU A 604 24.89 -3.81 -16.94
N LEU A 605 26.04 -4.50 -16.95
CA LEU A 605 26.43 -5.27 -18.13
C LEU A 605 25.47 -6.43 -18.38
N ARG A 606 25.12 -7.16 -17.31
CA ARG A 606 24.22 -8.29 -17.47
C ARG A 606 22.84 -7.83 -17.93
N THR A 607 22.31 -6.78 -17.32
CA THR A 607 20.93 -6.39 -17.56
C THR A 607 20.77 -5.63 -18.87
N TYR A 608 21.72 -4.75 -19.20
CA TYR A 608 21.53 -3.81 -20.29
C TYR A 608 22.48 -4.00 -21.47
N VAL A 609 23.74 -4.35 -21.23
CA VAL A 609 24.68 -4.49 -22.34
C VAL A 609 24.56 -5.87 -22.97
N GLY A 610 24.38 -6.91 -22.17
CA GLY A 610 24.23 -8.26 -22.65
C GLY A 610 23.13 -8.43 -23.69
N PRO A 611 21.88 -8.09 -23.32
CA PRO A 611 20.79 -8.21 -24.28
C PRO A 611 20.97 -7.35 -25.53
N MET A 612 21.60 -6.19 -25.41
CA MET A 612 21.84 -5.35 -26.59
C MET A 612 22.84 -6.03 -27.54
N THR A 613 23.89 -6.64 -26.98
CA THR A 613 24.90 -7.27 -27.83
C THR A 613 24.32 -8.45 -28.59
N GLU A 614 23.45 -9.23 -27.95
CA GLU A 614 22.85 -10.38 -28.61
C GLU A 614 21.89 -9.96 -29.72
N SER A 615 21.30 -8.76 -29.61
CA SER A 615 20.41 -8.28 -30.65
C SER A 615 21.19 -7.75 -31.85
N LEU A 616 22.35 -7.12 -31.60
CA LEU A 616 23.12 -6.53 -32.69
C LEU A 616 24.00 -7.56 -33.40
N PHE A 617 24.38 -8.64 -32.71
CA PHE A 617 25.18 -9.72 -33.28
C PHE A 617 24.36 -11.01 -33.17
N PRO A 618 23.40 -11.22 -34.07
CA PRO A 618 22.54 -12.40 -33.98
C PRO A 618 23.35 -13.69 -34.04
N GLY A 619 23.11 -14.56 -33.06
CA GLY A 619 23.82 -15.83 -32.93
C GLY A 619 24.74 -15.89 -31.72
N TYR A 620 25.20 -14.73 -31.26
CA TYR A 620 26.11 -14.69 -30.12
C TYR A 620 25.31 -14.68 -28.81
N HIS A 621 25.83 -15.39 -27.81
CA HIS A 621 25.21 -15.46 -26.49
C HIS A 621 26.19 -15.00 -25.44
N THR A 622 25.71 -14.18 -24.50
CA THR A 622 26.55 -13.50 -23.54
C THR A 622 25.98 -13.65 -22.14
N LYS A 623 26.88 -13.85 -21.17
CA LYS A 623 26.56 -13.64 -19.76
C LYS A 623 27.27 -12.42 -19.20
N ALA A 624 27.97 -11.67 -20.05
CA ALA A 624 28.54 -10.36 -19.72
C ALA A 624 29.62 -10.46 -18.64
N ARG A 625 30.50 -11.46 -18.77
CA ARG A 625 31.68 -11.53 -17.93
C ARG A 625 32.65 -10.43 -18.31
N ALA A 626 33.23 -9.76 -17.32
CA ALA A 626 34.19 -8.70 -17.58
C ALA A 626 35.07 -8.52 -16.36
N VAL A 627 36.35 -8.88 -16.48
CA VAL A 627 37.29 -8.63 -15.39
C VAL A 627 37.91 -7.25 -15.50
N MET A 628 37.95 -6.67 -16.71
CA MET A 628 38.54 -5.35 -16.94
C MET A 628 37.42 -4.35 -17.16
N ASN A 629 37.17 -3.51 -16.15
CA ASN A 629 36.20 -2.43 -16.21
C ASN A 629 36.84 -1.20 -15.60
N PHE A 630 36.93 -0.12 -16.38
CA PHE A 630 37.70 1.03 -15.92
C PHE A 630 37.27 2.28 -16.69
N VAL A 631 37.46 3.43 -16.05
CA VAL A 631 37.19 4.74 -16.63
C VAL A 631 38.52 5.38 -17.00
N VAL A 632 38.71 5.65 -18.29
CA VAL A 632 39.95 6.24 -18.78
C VAL A 632 39.82 7.77 -18.78
N ARG A 633 40.92 8.44 -18.45
CA ARG A 633 41.00 9.90 -18.52
C ARG A 633 42.06 10.29 -19.53
N TYR A 634 41.67 11.09 -20.52
CA TYR A 634 42.59 11.62 -21.51
C TYR A 634 42.76 13.13 -21.28
N ARG A 635 44.01 13.57 -21.26
CA ARG A 635 44.34 14.98 -21.09
C ARG A 635 45.59 15.29 -21.88
N PRO A 636 45.72 16.52 -22.40
CA PRO A 636 46.98 16.88 -23.08
C PRO A 636 48.19 16.88 -22.16
N ASP A 637 48.02 17.17 -20.88
CA ASP A 637 49.14 17.16 -19.95
C ASP A 637 49.52 15.75 -19.49
N GLU A 638 48.55 14.83 -19.46
CA GLU A 638 48.82 13.47 -19.04
C GLU A 638 48.97 12.55 -20.26
N GLN A 639 48.07 11.58 -20.38
CA GLN A 639 48.07 10.67 -21.53
C GLN A 639 46.93 11.04 -22.46
N PRO A 640 47.19 11.75 -23.56
CA PRO A 640 46.10 12.20 -24.42
C PRO A 640 45.64 11.17 -25.44
N SER A 641 46.40 10.10 -25.66
CA SER A 641 46.10 9.17 -26.74
C SER A 641 46.25 7.74 -26.25
N LEU A 642 45.92 6.80 -27.15
CA LEU A 642 46.04 5.37 -26.88
C LEU A 642 46.44 4.70 -28.18
N ARG A 643 47.68 4.21 -28.23
CA ARG A 643 48.26 3.71 -29.48
C ARG A 643 47.53 2.45 -29.96
N PRO A 644 47.71 2.08 -31.23
CA PRO A 644 46.99 0.92 -31.78
C PRO A 644 47.25 -0.35 -30.97
N HIS A 645 46.20 -1.17 -30.86
CA HIS A 645 46.24 -2.36 -30.03
C HIS A 645 44.95 -3.16 -30.24
N HIS A 646 44.94 -4.37 -29.72
CA HIS A 646 43.75 -5.20 -29.61
C HIS A 646 43.33 -5.29 -28.15
N ASP A 647 42.21 -5.96 -27.92
CA ASP A 647 41.63 -6.11 -26.58
C ASP A 647 41.56 -7.58 -26.20
N SER A 648 41.83 -7.86 -24.93
CA SER A 648 41.59 -9.18 -24.36
C SER A 648 40.10 -9.27 -24.04
N SER A 649 39.31 -9.44 -25.10
CA SER A 649 37.86 -9.48 -24.99
C SER A 649 37.27 -10.04 -26.27
N THR A 650 36.10 -10.64 -26.15
CA THR A 650 35.34 -11.01 -27.35
C THR A 650 34.76 -9.77 -28.02
N PHE A 651 34.16 -8.88 -27.23
CA PHE A 651 33.76 -7.57 -27.70
C PHE A 651 34.00 -6.55 -26.60
N THR A 652 34.13 -5.29 -27.01
CA THR A 652 34.49 -4.20 -26.11
C THR A 652 33.38 -3.18 -26.06
N LEU A 653 33.01 -2.76 -24.85
CA LEU A 653 32.06 -1.67 -24.64
C LEU A 653 32.83 -0.38 -24.38
N ASN A 654 32.50 0.66 -25.14
CA ASN A 654 33.20 1.95 -25.05
C ASN A 654 32.14 3.05 -24.93
N VAL A 655 31.97 3.58 -23.72
CA VAL A 655 30.95 4.58 -23.42
C VAL A 655 31.64 5.91 -23.18
N ALA A 656 31.24 6.94 -23.92
CA ALA A 656 31.67 8.28 -23.61
C ALA A 656 31.02 8.75 -22.31
N LEU A 657 31.64 9.74 -21.67
CA LEU A 657 31.14 10.22 -20.38
C LEU A 657 31.03 11.73 -20.30
N ASN A 658 31.47 12.46 -21.33
CA ASN A 658 31.29 13.91 -21.37
C ASN A 658 31.11 14.33 -22.82
N HIS A 659 30.97 15.64 -23.03
CA HIS A 659 30.67 16.20 -24.33
C HIS A 659 31.94 16.60 -25.06
N LYS A 660 31.98 16.35 -26.36
CA LYS A 660 33.07 16.85 -27.19
C LYS A 660 32.80 18.30 -27.58
N GLY A 661 33.81 19.14 -27.43
CA GLY A 661 33.65 20.56 -27.69
C GLY A 661 33.46 21.35 -26.40
N LEU A 662 32.51 20.92 -25.58
CA LEU A 662 32.27 21.60 -24.30
C LEU A 662 33.34 21.22 -23.28
N ASP A 663 33.60 19.93 -23.10
CA ASP A 663 34.51 19.45 -22.09
C ASP A 663 35.91 19.14 -22.63
N TYR A 664 36.02 18.77 -23.91
CA TYR A 664 37.31 18.43 -24.47
C TYR A 664 37.29 18.64 -25.97
N GLU A 665 38.49 18.78 -26.54
CA GLU A 665 38.69 18.82 -27.99
C GLU A 665 39.73 17.78 -28.35
N GLY A 666 39.45 17.02 -29.39
CA GLY A 666 40.33 15.95 -29.84
C GLY A 666 39.53 14.74 -30.29
N GLY A 667 40.15 13.95 -31.16
CA GLY A 667 39.48 12.82 -31.76
C GLY A 667 39.07 11.72 -30.79
N GLY A 668 38.40 10.70 -31.32
CA GLY A 668 37.96 9.59 -30.50
C GLY A 668 38.67 8.29 -30.81
N CYS A 669 37.96 7.35 -31.44
CA CYS A 669 38.50 6.04 -31.73
C CYS A 669 38.61 5.84 -33.24
N ARG A 670 39.73 5.28 -33.67
CA ARG A 670 39.99 5.01 -35.08
C ARG A 670 40.24 3.50 -35.25
N PHE A 671 39.54 2.90 -36.21
CA PHE A 671 39.69 1.48 -36.51
C PHE A 671 40.50 1.35 -37.80
N LEU A 672 41.73 0.84 -37.66
CA LEU A 672 42.73 0.98 -38.72
C LEU A 672 42.37 0.17 -39.96
N ARG A 673 42.00 -1.10 -39.78
CA ARG A 673 41.75 -1.98 -40.92
C ARG A 673 40.56 -1.54 -41.76
N TYR A 674 39.78 -0.56 -41.30
CA TYR A 674 38.63 -0.09 -42.04
C TYR A 674 38.74 1.38 -42.44
N ASP A 675 39.80 2.07 -42.02
CA ASP A 675 39.96 3.50 -42.27
C ASP A 675 38.72 4.27 -41.85
N CYS A 676 38.13 3.85 -40.73
CA CYS A 676 36.90 4.42 -40.22
C CYS A 676 37.17 5.03 -38.85
N VAL A 677 36.67 6.24 -38.64
CA VAL A 677 36.99 7.03 -37.45
C VAL A 677 35.71 7.50 -36.79
N ILE A 678 35.54 7.19 -35.50
CA ILE A 678 34.46 7.75 -34.71
C ILE A 678 34.92 9.12 -34.20
N SER A 679 34.79 10.14 -35.05
CA SER A 679 35.37 11.44 -34.73
C SER A 679 34.53 12.22 -33.72
N SER A 680 33.21 12.07 -33.75
CA SER A 680 32.29 12.84 -32.90
C SER A 680 31.49 11.89 -32.01
N PRO A 681 32.06 11.44 -30.90
CA PRO A 681 31.31 10.59 -29.99
C PRO A 681 30.22 11.36 -29.26
N ARG A 682 29.13 10.66 -28.96
CA ARG A 682 28.01 11.22 -28.23
C ARG A 682 28.08 10.75 -26.79
N LYS A 683 27.79 11.68 -25.86
CA LYS A 683 28.03 11.49 -24.43
C LYS A 683 27.56 10.13 -23.91
N GLY A 684 26.27 9.98 -23.65
CA GLY A 684 25.76 8.75 -23.09
C GLY A 684 25.82 7.53 -23.99
N TRP A 685 26.28 7.67 -25.23
CA TRP A 685 26.27 6.56 -26.17
C TRP A 685 27.48 5.65 -25.98
N ALA A 686 27.30 4.39 -26.36
CA ALA A 686 28.32 3.36 -26.18
C ALA A 686 28.65 2.71 -27.52
N LEU A 687 29.93 2.46 -27.74
CA LEU A 687 30.39 1.73 -28.92
C LEU A 687 30.52 0.25 -28.59
N LEU A 688 30.27 -0.59 -29.59
CA LEU A 688 30.28 -2.04 -29.42
C LEU A 688 31.03 -2.64 -30.61
N HIS A 689 32.24 -3.10 -30.39
CA HIS A 689 33.09 -3.63 -31.45
C HIS A 689 33.80 -4.87 -30.97
N PRO A 690 34.21 -5.75 -31.90
CA PRO A 690 35.03 -6.90 -31.50
C PRO A 690 36.39 -6.44 -31.00
N GLY A 691 36.96 -7.23 -30.10
CA GLY A 691 38.20 -6.86 -29.45
C GLY A 691 39.44 -7.51 -30.01
N ARG A 692 39.27 -8.55 -30.83
CA ARG A 692 40.39 -9.35 -31.30
C ARG A 692 40.38 -9.45 -32.82
N LEU A 693 41.57 -9.71 -33.37
CA LEU A 693 41.77 -10.08 -34.77
C LEU A 693 41.51 -8.94 -35.74
N THR A 694 40.25 -8.48 -35.84
CA THR A 694 39.84 -7.62 -36.94
C THR A 694 39.89 -6.13 -36.62
N HIS A 695 39.58 -5.74 -35.38
CA HIS A 695 39.41 -4.32 -35.08
C HIS A 695 40.59 -3.73 -34.32
N TYR A 696 41.77 -3.85 -34.91
CA TYR A 696 42.93 -3.09 -34.46
C TYR A 696 42.60 -1.60 -34.48
N HIS A 697 42.66 -0.96 -33.32
CA HIS A 697 42.14 0.39 -33.18
C HIS A 697 43.01 1.23 -32.27
N GLU A 698 42.79 2.54 -32.32
CA GLU A 698 43.65 3.51 -31.67
C GLU A 698 42.82 4.70 -31.21
N GLY A 699 43.13 5.20 -30.01
CA GLY A 699 42.47 6.37 -29.49
C GLY A 699 43.16 7.66 -29.89
N LEU A 700 42.45 8.50 -30.65
CA LEU A 700 43.06 9.71 -31.18
C LEU A 700 43.37 10.70 -30.05
N PRO A 701 44.40 11.52 -30.22
CA PRO A 701 44.83 12.39 -29.12
C PRO A 701 43.79 13.44 -28.75
N THR A 702 43.61 13.63 -27.44
CA THR A 702 42.79 14.73 -26.93
C THR A 702 43.65 15.99 -26.86
N THR A 703 43.24 17.03 -27.58
CA THR A 703 44.08 18.21 -27.70
C THR A 703 43.74 19.32 -26.71
N TRP A 704 42.59 19.25 -26.06
CA TRP A 704 42.19 20.28 -25.12
C TRP A 704 41.19 19.69 -24.14
N GLY A 705 41.20 20.21 -22.92
CA GLY A 705 40.23 19.78 -21.93
C GLY A 705 40.53 18.39 -21.39
N THR A 706 39.47 17.66 -21.08
CA THR A 706 39.57 16.32 -20.51
C THR A 706 38.50 15.43 -21.11
N ARG A 707 38.90 14.24 -21.56
CA ARG A 707 37.99 13.29 -22.18
C ARG A 707 37.87 12.07 -21.28
N TYR A 708 36.64 11.76 -20.86
CA TYR A 708 36.35 10.60 -20.03
C TYR A 708 35.59 9.56 -20.84
N ILE A 709 35.98 8.30 -20.67
CA ILE A 709 35.27 7.17 -21.28
C ILE A 709 35.20 6.02 -20.29
N MET A 710 34.16 5.20 -20.44
CA MET A 710 34.00 3.98 -19.66
C MET A 710 34.12 2.79 -20.61
N VAL A 711 34.95 1.82 -20.24
CA VAL A 711 35.28 0.71 -21.12
C VAL A 711 35.30 -0.59 -20.33
N SER A 712 34.69 -1.64 -20.91
CA SER A 712 34.70 -2.97 -20.33
C SER A 712 35.14 -3.97 -21.39
N PHE A 713 36.10 -4.83 -21.03
CA PHE A 713 36.54 -5.92 -21.91
C PHE A 713 35.72 -7.14 -21.52
N VAL A 714 34.58 -7.32 -22.18
CA VAL A 714 33.61 -8.33 -21.77
C VAL A 714 33.85 -9.62 -22.56
N ASP A 715 33.68 -10.75 -21.87
CA ASP A 715 33.90 -12.11 -22.36
C ASP A 715 35.36 -12.32 -22.78
N PRO A 716 36.32 -12.23 -21.85
CA PRO A 716 37.71 -12.51 -22.21
C PRO A 716 38.01 -14.01 -22.26
C1 NAG B . 14.95 11.09 -27.29
C2 NAG B . 16.11 12.07 -27.31
C3 NAG B . 15.62 13.46 -27.70
C4 NAG B . 14.80 13.42 -28.98
C5 NAG B . 13.75 12.30 -28.94
C6 NAG B . 13.11 12.06 -30.30
C7 NAG B . 18.12 12.13 -25.91
C8 NAG B . 18.66 12.16 -24.52
N2 NAG B . 16.79 12.09 -26.03
O3 NAG B . 16.75 14.31 -27.87
O4 NAG B . 14.09 14.64 -29.11
O5 NAG B . 14.35 11.05 -28.56
O6 NAG B . 13.75 11.01 -31.00
O7 NAG B . 18.87 12.14 -26.89
C1 NAG B . 14.64 15.46 -30.14
C2 NAG B . 13.51 16.36 -30.64
C3 NAG B . 14.02 17.32 -31.70
C4 NAG B . 15.22 18.10 -31.18
C5 NAG B . 16.29 17.13 -30.67
C6 NAG B . 17.47 17.83 -30.04
C7 NAG B . 11.36 15.19 -30.39
C8 NAG B . 10.31 14.38 -31.08
N2 NAG B . 12.40 15.57 -31.15
O3 NAG B . 12.98 18.22 -32.06
O4 NAG B . 15.77 18.91 -32.22
O5 NAG B . 15.72 16.28 -29.67
O6 NAG B . 17.75 17.30 -28.74
O7 NAG B . 11.27 15.50 -29.21
C1 AKG C . 40.29 1.02 -24.45
O1 AKG C . 40.02 1.57 -23.39
O2 AKG C . 40.96 -0.11 -24.54
C2 AKG C . 39.88 1.63 -25.79
O5 AKG C . 39.51 0.92 -26.73
C3 AKG C . 39.92 3.14 -25.92
C4 AKG C . 39.58 3.61 -27.32
C5 AKG C . 39.28 5.08 -27.38
O3 AKG C . 38.28 5.53 -27.91
O4 AKG C . 40.19 5.81 -26.81
FE FE2 D . 40.98 -1.15 -26.92
FE FE2 E . 43.85 0.20 -16.57
MN MN F . -22.18 -6.32 18.16
C1 NAG G . -35.89 -5.07 -4.41
C2 NAG G . -35.58 -6.16 -5.44
C3 NAG G . -35.49 -5.54 -6.84
C4 NAG G . -36.74 -4.74 -7.15
C5 NAG G . -36.99 -3.70 -6.06
C6 NAG G . -38.28 -2.94 -6.24
C7 NAG G . -34.32 -7.95 -4.33
C8 NAG G . -32.96 -8.54 -4.12
N2 NAG G . -34.36 -6.86 -5.12
O3 NAG G . -35.32 -6.58 -7.80
O4 NAG G . -36.61 -4.07 -8.41
O5 NAG G . -37.08 -4.36 -4.79
O6 NAG G . -38.58 -2.14 -5.11
O7 NAG G . -35.33 -8.41 -3.83
C1 GOL H . -20.49 11.36 12.69
O1 GOL H . -21.04 10.82 13.86
C2 GOL H . -20.31 10.19 11.70
O2 GOL H . -19.75 9.08 12.29
C3 GOL H . -19.44 10.77 10.57
O3 GOL H . -20.27 10.93 9.45
C1 GOL I . -9.04 -12.53 9.49
O1 GOL I . -8.63 -11.26 9.06
C2 GOL I . -8.77 -13.50 8.32
O2 GOL I . -9.26 -13.02 7.12
C3 GOL I . -7.23 -13.68 8.30
O3 GOL I . -6.92 -14.22 7.05
C1 GOL J . -8.73 -7.32 5.61
O1 GOL J . -9.20 -6.15 5.05
C2 GOL J . -8.47 -8.31 4.45
O2 GOL J . -7.20 -8.18 3.91
C3 GOL J . -9.58 -8.00 3.42
O3 GOL J . -8.97 -7.33 2.38
N1 UPG K . -23.95 1.16 19.80
C2 UPG K . -24.30 2.38 19.43
N3 UPG K . -23.57 3.45 19.74
C4 UPG K . -22.46 3.33 20.43
C5 UPG K . -22.05 2.06 20.84
C6 UPG K . -22.84 0.95 20.50
O2 UPG K . -25.50 2.55 18.69
O4 UPG K . -21.68 4.47 20.75
C1C UPG K . -24.74 0.13 19.46
C2C UPG K . -24.31 -0.52 18.06
O2C UPG K . -25.53 -0.99 17.32
C3C UPG K . -23.62 -1.50 18.38
C4C UPG K . -24.33 -2.06 19.78
O4C UPG K . -24.65 -1.01 20.47
O3C UPG K . -23.64 -2.52 17.33
C5C UPG K . -23.33 -2.90 20.56
O5C UPG K . -22.03 -2.40 20.28
PA UPG K . -20.88 -3.48 19.72
O1A UPG K . -19.70 -2.73 19.16
O2A UPG K . -21.50 -4.34 18.64
O3A UPG K . -20.37 -4.44 20.98
PB UPG K . -20.13 -6.07 20.93
O1B UPG K . -18.75 -6.38 20.43
O2B UPG K . -21.16 -6.72 20.02
O3B UPG K . -20.33 -6.67 22.44
C1' UPG K . -21.58 -6.43 23.00
C2' UPG K . -21.54 -5.21 23.89
C3' UPG K . -22.85 -4.92 24.45
C4' UPG K . -23.90 -5.85 23.98
C5' UPG K . -23.52 -7.36 24.24
C6' UPG K . -24.43 -8.20 23.53
O2' UPG K . -20.59 -5.45 24.99
O3' UPG K . -23.25 -3.54 24.05
O4' UPG K . -25.11 -5.54 24.66
O5' UPG K . -22.10 -7.60 23.72
O6' UPG K . -24.26 -8.01 22.17
#